data_5JI4
#
_entry.id   5JI4
#
_entity_poly.entity_id   1
_entity_poly.type   'polypeptide(L)'
_entity_poly.pdbx_seq_one_letter_code
;APCECDVNGETYTVSSSEECERLCRKLGVTNCRVHCG
;
_entity_poly.pdbx_strand_id   A
#
# COMPACT_ATOMS: atom_id res chain seq x y z
N ALA A 1 -9.49 5.00 -11.20
CA ALA A 1 -9.29 5.45 -9.80
C ALA A 1 -7.83 5.23 -9.39
N PRO A 2 -7.37 5.87 -8.30
CA PRO A 2 -6.01 5.67 -7.79
C PRO A 2 -5.81 4.23 -7.31
N CYS A 3 -4.59 3.92 -6.89
CA CYS A 3 -4.26 2.56 -6.46
C CYS A 3 -4.45 2.45 -4.95
N GLU A 4 -4.80 1.25 -4.49
CA GLU A 4 -5.08 1.01 -3.08
C GLU A 4 -4.05 0.07 -2.50
N CYS A 5 -3.70 0.29 -1.24
CA CYS A 5 -2.68 -0.47 -0.54
C CYS A 5 -3.22 -0.94 0.80
N ASP A 6 -3.10 -2.23 1.10
CA ASP A 6 -3.68 -2.80 2.31
C ASP A 6 -2.58 -3.28 3.25
N VAL A 7 -2.33 -2.50 4.29
CA VAL A 7 -1.25 -2.75 5.22
C VAL A 7 -1.81 -3.12 6.59
N ASN A 8 -1.40 -4.28 7.10
CA ASN A 8 -1.80 -4.74 8.43
C ASN A 8 -3.29 -5.11 8.46
N GLY A 9 -3.96 -5.00 7.31
CA GLY A 9 -5.37 -5.27 7.22
C GLY A 9 -6.17 -4.00 7.00
N GLU A 10 -5.51 -2.85 7.13
CA GLU A 10 -6.13 -1.55 6.90
C GLU A 10 -5.85 -1.11 5.46
N THR A 11 -6.77 -0.34 4.89
CA THR A 11 -6.71 0.02 3.48
C THR A 11 -6.46 1.52 3.31
N TYR A 12 -5.43 1.83 2.53
CA TYR A 12 -5.03 3.21 2.23
C TYR A 12 -5.00 3.40 0.73
N THR A 13 -4.89 4.65 0.29
CA THR A 13 -4.78 4.96 -1.13
C THR A 13 -3.41 5.56 -1.44
N VAL A 14 -2.83 5.14 -2.56
CA VAL A 14 -1.51 5.60 -2.99
C VAL A 14 -1.52 5.87 -4.49
N SER A 15 -0.63 6.75 -4.93
CA SER A 15 -0.52 7.10 -6.33
C SER A 15 -0.03 5.90 -7.16
N SER A 16 0.92 5.14 -6.62
CA SER A 16 1.53 4.03 -7.34
C SER A 16 1.75 2.81 -6.44
N SER A 17 1.84 1.63 -7.05
CA SER A 17 2.05 0.39 -6.31
C SER A 17 3.38 0.42 -5.56
N GLU A 18 4.36 1.08 -6.16
CA GLU A 18 5.67 1.26 -5.54
C GLU A 18 5.56 2.19 -4.34
N GLU A 19 4.63 3.15 -4.43
CA GLU A 19 4.36 4.06 -3.31
C GLU A 19 3.74 3.27 -2.16
N CYS A 20 2.86 2.33 -2.51
CA CYS A 20 2.31 1.39 -1.53
C CYS A 20 3.44 0.65 -0.82
N GLU A 21 4.30 -0.01 -1.61
CA GLU A 21 5.45 -0.73 -1.10
C GLU A 21 6.24 0.14 -0.12
N ARG A 22 6.62 1.34 -0.57
CA ARG A 22 7.42 2.26 0.23
C ARG A 22 6.69 2.63 1.53
N LEU A 23 5.38 2.87 1.43
CA LEU A 23 4.57 3.19 2.60
C LEU A 23 4.67 2.08 3.64
N CYS A 24 4.49 0.85 3.18
CA CYS A 24 4.56 -0.32 4.05
C CYS A 24 5.96 -0.45 4.66
N ARG A 25 6.98 -0.10 3.89
CA ARG A 25 8.37 -0.09 4.38
C ARG A 25 8.56 0.98 5.45
N LYS A 26 7.90 2.13 5.24
CA LYS A 26 7.97 3.24 6.15
C LYS A 26 7.31 2.89 7.48
N LEU A 27 6.19 2.17 7.40
CA LEU A 27 5.50 1.68 8.58
C LEU A 27 6.26 0.50 9.18
N GLY A 28 7.01 -0.20 8.33
CA GLY A 28 7.79 -1.33 8.78
C GLY A 28 6.93 -2.55 9.01
N VAL A 29 5.99 -2.78 8.10
CA VAL A 29 5.06 -3.89 8.21
C VAL A 29 5.14 -4.76 6.95
N THR A 30 5.31 -6.06 7.16
CA THR A 30 5.39 -7.02 6.06
C THR A 30 4.00 -7.31 5.49
N ASN A 31 2.98 -7.29 6.36
CA ASN A 31 1.60 -7.44 5.92
C ASN A 31 1.19 -6.22 5.10
N CYS A 32 1.28 -6.35 3.78
CA CYS A 32 1.04 -5.25 2.85
C CYS A 32 0.59 -5.80 1.50
N ARG A 33 -0.52 -5.30 0.99
CA ARG A 33 -1.09 -5.77 -0.27
C ARG A 33 -1.36 -4.56 -1.17
N VAL A 34 -1.57 -4.81 -2.46
CA VAL A 34 -1.78 -3.72 -3.41
C VAL A 34 -2.69 -4.14 -4.57
N HIS A 35 -3.53 -3.20 -4.99
CA HIS A 35 -4.38 -3.36 -6.16
C HIS A 35 -4.80 -1.98 -6.65
N CYS A 36 -4.76 -1.77 -7.96
CA CYS A 36 -5.00 -0.44 -8.52
C CYS A 36 -6.30 -0.44 -9.33
N GLY A 37 -7.27 0.38 -8.89
CA GLY A 37 -8.58 0.39 -9.51
C GLY A 37 -8.71 1.44 -10.61
N ALA A 1 -3.65 5.52 -13.54
CA ALA A 1 -4.74 5.65 -12.56
C ALA A 1 -4.21 5.30 -11.15
N PRO A 2 -4.77 5.92 -10.10
CA PRO A 2 -4.34 5.65 -8.72
C PRO A 2 -4.71 4.23 -8.28
N CYS A 3 -4.07 3.77 -7.21
CA CYS A 3 -4.27 2.42 -6.73
C CYS A 3 -4.52 2.43 -5.21
N GLU A 4 -4.83 1.28 -4.64
CA GLU A 4 -5.11 1.17 -3.22
C GLU A 4 -4.03 0.35 -2.54
N CYS A 5 -3.91 0.49 -1.23
CA CYS A 5 -2.84 -0.14 -0.48
C CYS A 5 -3.39 -0.72 0.83
N ASP A 6 -2.98 -1.94 1.13
CA ASP A 6 -3.40 -2.64 2.33
C ASP A 6 -2.20 -2.83 3.25
N VAL A 7 -2.38 -2.51 4.51
CA VAL A 7 -1.32 -2.51 5.51
C VAL A 7 -1.81 -3.22 6.78
N ASN A 8 -1.34 -4.45 6.98
CA ASN A 8 -1.76 -5.30 8.11
C ASN A 8 -3.21 -5.70 7.93
N GLY A 9 -4.10 -4.73 8.05
CA GLY A 9 -5.51 -4.94 7.82
C GLY A 9 -6.25 -3.64 7.50
N GLU A 10 -5.49 -2.59 7.22
CA GLU A 10 -6.06 -1.27 6.97
C GLU A 10 -5.90 -0.92 5.49
N THR A 11 -6.88 -0.24 4.91
CA THR A 11 -6.85 0.08 3.49
C THR A 11 -6.73 1.60 3.27
N TYR A 12 -5.83 1.98 2.37
CA TYR A 12 -5.56 3.37 2.03
C TYR A 12 -5.42 3.52 0.52
N THR A 13 -5.28 4.76 0.08
CA THR A 13 -5.08 5.06 -1.33
C THR A 13 -3.68 5.62 -1.57
N VAL A 14 -3.06 5.22 -2.66
CA VAL A 14 -1.71 5.65 -3.02
C VAL A 14 -1.62 5.93 -4.51
N SER A 15 -0.55 6.58 -4.94
CA SER A 15 -0.35 6.88 -6.35
C SER A 15 -0.18 5.59 -7.14
N SER A 16 0.64 4.67 -6.63
CA SER A 16 0.88 3.41 -7.30
C SER A 16 1.56 2.40 -6.37
N SER A 17 1.93 1.26 -6.96
CA SER A 17 2.56 0.16 -6.25
C SER A 17 3.78 0.64 -5.45
N GLU A 18 4.66 1.39 -6.10
CA GLU A 18 5.90 1.86 -5.48
C GLU A 18 5.58 2.67 -4.21
N GLU A 19 4.54 3.49 -4.28
CA GLU A 19 4.11 4.28 -3.13
C GLU A 19 3.62 3.36 -2.01
N CYS A 20 2.76 2.41 -2.35
CA CYS A 20 2.26 1.45 -1.36
C CYS A 20 3.42 0.73 -0.67
N GLU A 21 4.31 0.18 -1.49
CA GLU A 21 5.50 -0.52 -0.99
C GLU A 21 6.28 0.36 -0.01
N ARG A 22 6.58 1.59 -0.45
CA ARG A 22 7.36 2.52 0.35
C ARG A 22 6.66 2.78 1.70
N LEU A 23 5.35 2.99 1.65
CA LEU A 23 4.58 3.30 2.85
C LEU A 23 4.67 2.15 3.86
N CYS A 24 4.28 0.95 3.43
CA CYS A 24 4.27 -0.22 4.30
C CYS A 24 5.68 -0.51 4.84
N ARG A 25 6.67 -0.41 3.97
CA ARG A 25 8.06 -0.72 4.34
C ARG A 25 8.63 0.38 5.26
N LYS A 26 8.10 1.61 5.13
CA LYS A 26 8.47 2.70 6.02
C LYS A 26 7.91 2.46 7.41
N LEU A 27 6.68 1.95 7.44
CA LEU A 27 6.03 1.56 8.69
C LEU A 27 6.67 0.28 9.24
N GLY A 28 7.26 -0.51 8.35
CA GLY A 28 7.92 -1.73 8.73
C GLY A 28 6.97 -2.91 8.74
N VAL A 29 5.81 -2.73 8.14
CA VAL A 29 4.79 -3.77 8.08
C VAL A 29 4.99 -4.62 6.82
N THR A 30 5.25 -5.91 7.02
CA THR A 30 5.46 -6.83 5.91
C THR A 30 4.13 -7.22 5.27
N ASN A 31 3.10 -7.34 6.11
CA ASN A 31 1.74 -7.62 5.64
C ASN A 31 1.21 -6.39 4.91
N CYS A 32 1.28 -6.42 3.59
CA CYS A 32 0.90 -5.27 2.77
C CYS A 32 0.61 -5.73 1.34
N ARG A 33 -0.43 -5.16 0.73
CA ARG A 33 -0.81 -5.52 -0.64
C ARG A 33 -1.31 -4.29 -1.39
N VAL A 34 -0.90 -4.14 -2.65
CA VAL A 34 -1.34 -3.02 -3.46
C VAL A 34 -2.21 -3.50 -4.62
N HIS A 35 -3.46 -3.04 -4.65
CA HIS A 35 -4.40 -3.44 -5.67
C HIS A 35 -4.76 -2.24 -6.54
N CYS A 36 -4.94 -2.46 -7.83
CA CYS A 36 -5.28 -1.39 -8.75
C CYS A 36 -6.32 -1.90 -9.76
N GLY A 37 -7.55 -1.44 -9.59
CA GLY A 37 -8.64 -1.89 -10.44
C GLY A 37 -8.80 -1.03 -11.68
N ALA A 1 -2.70 8.03 -11.50
CA ALA A 1 -3.51 6.81 -11.32
C ALA A 1 -3.40 6.32 -9.87
N PRO A 2 -4.42 6.59 -9.03
CA PRO A 2 -4.40 6.19 -7.63
C PRO A 2 -4.75 4.71 -7.45
N CYS A 3 -4.14 4.11 -6.45
CA CYS A 3 -4.35 2.71 -6.15
C CYS A 3 -4.62 2.53 -4.66
N GLU A 4 -5.06 1.33 -4.28
CA GLU A 4 -5.39 1.04 -2.90
C GLU A 4 -4.39 0.03 -2.35
N CYS A 5 -3.81 0.35 -1.20
CA CYS A 5 -2.79 -0.48 -0.56
C CYS A 5 -3.32 -0.95 0.79
N ASP A 6 -3.21 -2.25 1.05
CA ASP A 6 -3.72 -2.85 2.26
C ASP A 6 -2.58 -3.34 3.12
N VAL A 7 -2.38 -2.68 4.25
CA VAL A 7 -1.26 -2.95 5.13
C VAL A 7 -1.77 -3.54 6.45
N ASN A 8 -1.47 -4.82 6.66
CA ASN A 8 -1.81 -5.54 7.89
C ASN A 8 -3.32 -5.76 8.06
N GLY A 9 -4.12 -4.95 7.39
CA GLY A 9 -5.57 -5.02 7.53
C GLY A 9 -6.20 -3.67 7.27
N GLU A 10 -5.38 -2.61 7.33
CA GLU A 10 -5.85 -1.26 7.05
C GLU A 10 -5.73 -0.96 5.56
N THR A 11 -6.64 -0.13 5.05
CA THR A 11 -6.67 0.22 3.63
C THR A 11 -6.33 1.69 3.42
N TYR A 12 -5.24 1.93 2.68
CA TYR A 12 -4.81 3.28 2.33
C TYR A 12 -4.91 3.49 0.82
N THR A 13 -4.77 4.74 0.38
CA THR A 13 -4.68 5.04 -1.04
C THR A 13 -3.29 5.60 -1.35
N VAL A 14 -2.67 5.07 -2.40
CA VAL A 14 -1.31 5.43 -2.77
C VAL A 14 -1.24 5.79 -4.25
N SER A 15 -0.13 6.40 -4.65
CA SER A 15 0.04 6.87 -6.02
C SER A 15 0.40 5.72 -6.97
N SER A 16 1.05 4.68 -6.43
CA SER A 16 1.54 3.57 -7.25
C SER A 16 1.89 2.37 -6.37
N SER A 17 2.19 1.22 -7.01
CA SER A 17 2.53 0.00 -6.28
C SER A 17 3.78 0.21 -5.44
N GLU A 18 4.81 0.80 -6.07
CA GLU A 18 6.04 1.16 -5.36
C GLU A 18 5.72 2.07 -4.17
N GLU A 19 4.70 2.90 -4.32
CA GLU A 19 4.27 3.79 -3.23
C GLU A 19 3.61 2.98 -2.11
N CYS A 20 2.89 1.93 -2.48
CA CYS A 20 2.30 1.01 -1.50
C CYS A 20 3.38 0.38 -0.63
N GLU A 21 4.33 -0.33 -1.26
CA GLU A 21 5.43 -0.97 -0.53
C GLU A 21 6.23 0.07 0.25
N ARG A 22 6.44 1.20 -0.39
CA ARG A 22 7.13 2.35 0.19
C ARG A 22 6.46 2.75 1.52
N LEU A 23 5.14 2.86 1.48
CA LEU A 23 4.34 3.19 2.67
C LEU A 23 4.57 2.12 3.74
N CYS A 24 4.54 0.86 3.31
CA CYS A 24 4.79 -0.26 4.20
C CYS A 24 6.20 -0.17 4.82
N ARG A 25 7.15 0.31 4.03
CA ARG A 25 8.53 0.44 4.49
C ARG A 25 8.65 1.60 5.47
N LYS A 26 7.82 2.62 5.28
CA LYS A 26 7.78 3.77 6.18
C LYS A 26 7.22 3.35 7.55
N LEU A 27 6.14 2.57 7.53
CA LEU A 27 5.52 2.08 8.76
C LEU A 27 6.34 0.97 9.39
N GLY A 28 6.97 0.16 8.54
CA GLY A 28 7.75 -0.98 9.01
C GLY A 28 6.92 -2.25 9.10
N VAL A 29 6.08 -2.48 8.09
CA VAL A 29 5.20 -3.65 8.03
C VAL A 29 5.46 -4.43 6.74
N THR A 30 5.39 -5.76 6.83
CA THR A 30 5.65 -6.62 5.68
C THR A 30 4.33 -7.04 5.00
N ASN A 31 3.28 -7.16 5.80
CA ASN A 31 1.97 -7.60 5.29
C ASN A 31 1.26 -6.47 4.56
N CYS A 32 1.24 -6.53 3.24
CA CYS A 32 0.62 -5.51 2.41
C CYS A 32 0.04 -6.14 1.14
N ARG A 33 -0.90 -5.44 0.52
CA ARG A 33 -1.51 -5.88 -0.74
C ARG A 33 -1.82 -4.66 -1.61
N VAL A 34 -1.75 -4.82 -2.93
CA VAL A 34 -2.00 -3.69 -3.84
C VAL A 34 -3.27 -3.92 -4.66
N HIS A 35 -3.94 -2.81 -4.99
CA HIS A 35 -5.14 -2.84 -5.83
C HIS A 35 -5.10 -1.65 -6.79
N CYS A 36 -5.26 -1.91 -8.08
CA CYS A 36 -5.33 -0.82 -9.06
C CYS A 36 -6.46 -1.10 -10.04
N GLY A 37 -7.60 -0.44 -9.81
CA GLY A 37 -8.78 -0.69 -10.60
C GLY A 37 -9.32 -2.09 -10.35
N ALA A 1 -4.02 8.33 -9.79
CA ALA A 1 -5.17 7.41 -9.67
C ALA A 1 -5.35 6.99 -8.21
N PRO A 2 -6.59 6.72 -7.78
CA PRO A 2 -6.89 6.31 -6.39
C PRO A 2 -6.60 4.83 -6.15
N CYS A 3 -5.42 4.38 -6.56
CA CYS A 3 -4.99 3.01 -6.31
C CYS A 3 -4.88 2.76 -4.81
N GLU A 4 -5.09 1.53 -4.40
CA GLU A 4 -5.27 1.22 -2.99
C GLU A 4 -4.13 0.37 -2.44
N CYS A 5 -3.68 0.74 -1.25
CA CYS A 5 -2.67 -0.01 -0.52
C CYS A 5 -3.29 -0.58 0.74
N ASP A 6 -2.95 -1.80 1.08
CA ASP A 6 -3.52 -2.48 2.24
C ASP A 6 -2.42 -2.73 3.26
N VAL A 7 -2.76 -2.60 4.54
CA VAL A 7 -1.82 -2.81 5.62
C VAL A 7 -2.48 -3.65 6.72
N ASN A 8 -2.19 -4.95 6.73
CA ASN A 8 -2.72 -5.89 7.74
C ASN A 8 -4.26 -6.00 7.65
N GLY A 9 -4.85 -5.32 6.67
CA GLY A 9 -6.30 -5.29 6.55
C GLY A 9 -6.84 -3.89 6.35
N GLU A 10 -6.12 -2.90 6.86
CA GLU A 10 -6.52 -1.50 6.71
C GLU A 10 -6.23 -1.04 5.29
N THR A 11 -7.09 -0.19 4.74
CA THR A 11 -6.97 0.25 3.36
C THR A 11 -6.65 1.74 3.28
N TYR A 12 -5.67 2.07 2.45
CA TYR A 12 -5.22 3.45 2.24
C TYR A 12 -5.17 3.72 0.74
N THR A 13 -4.91 4.97 0.38
CA THR A 13 -4.80 5.34 -1.03
C THR A 13 -3.38 5.75 -1.37
N VAL A 14 -2.89 5.26 -2.51
CA VAL A 14 -1.55 5.53 -3.00
C VAL A 14 -1.59 5.71 -4.51
N SER A 15 -0.64 6.47 -5.05
CA SER A 15 -0.58 6.70 -6.48
C SER A 15 -0.32 5.40 -7.24
N SER A 16 0.39 4.46 -6.61
CA SER A 16 0.70 3.18 -7.22
C SER A 16 1.30 2.20 -6.20
N SER A 17 1.54 0.98 -6.66
CA SER A 17 2.06 -0.09 -5.81
C SER A 17 3.44 0.26 -5.26
N GLU A 18 4.22 0.99 -6.04
CA GLU A 18 5.54 1.45 -5.60
C GLU A 18 5.38 2.32 -4.35
N GLU A 19 4.40 3.21 -4.41
CA GLU A 19 4.09 4.10 -3.29
C GLU A 19 3.60 3.28 -2.09
N CYS A 20 2.78 2.27 -2.39
CA CYS A 20 2.29 1.35 -1.34
C CYS A 20 3.46 0.68 -0.61
N GLU A 21 4.35 0.04 -1.38
CA GLU A 21 5.50 -0.64 -0.81
C GLU A 21 6.40 0.34 -0.06
N ARG A 22 6.47 1.56 -0.56
CA ARG A 22 7.20 2.63 0.10
C ARG A 22 6.63 2.86 1.49
N LEU A 23 5.31 2.92 1.57
CA LEU A 23 4.60 3.08 2.84
C LEU A 23 4.88 1.88 3.77
N CYS A 24 4.77 0.68 3.21
CA CYS A 24 5.02 -0.55 3.95
C CYS A 24 6.39 -0.51 4.65
N ARG A 25 7.43 -0.28 3.85
CA ARG A 25 8.80 -0.29 4.34
C ARG A 25 9.07 0.90 5.27
N LYS A 26 8.40 2.01 5.00
CA LYS A 26 8.52 3.20 5.84
C LYS A 26 8.00 2.90 7.25
N LEU A 27 6.84 2.25 7.33
CA LEU A 27 6.26 1.87 8.61
C LEU A 27 7.00 0.67 9.20
N GLY A 28 7.59 -0.13 8.31
CA GLY A 28 8.31 -1.32 8.73
C GLY A 28 7.43 -2.55 8.71
N VAL A 29 6.27 -2.43 8.05
CA VAL A 29 5.31 -3.53 7.98
C VAL A 29 5.51 -4.33 6.70
N THR A 30 5.52 -5.65 6.84
CA THR A 30 5.66 -6.55 5.70
C THR A 30 4.28 -7.00 5.21
N ASN A 31 3.38 -7.26 6.16
CA ASN A 31 2.02 -7.69 5.84
C ASN A 31 1.21 -6.53 5.29
N CYS A 32 1.30 -6.34 3.98
CA CYS A 32 0.57 -5.30 3.28
C CYS A 32 0.33 -5.75 1.84
N ARG A 33 -0.80 -5.34 1.27
CA ARG A 33 -1.20 -5.82 -0.06
C ARG A 33 -1.37 -4.65 -1.03
N VAL A 34 -1.09 -4.90 -2.31
CA VAL A 34 -1.20 -3.88 -3.33
C VAL A 34 -2.30 -4.21 -4.32
N HIS A 35 -3.12 -3.21 -4.65
CA HIS A 35 -4.11 -3.34 -5.72
C HIS A 35 -4.34 -1.97 -6.35
N CYS A 36 -3.98 -1.86 -7.63
CA CYS A 36 -3.99 -0.58 -8.33
C CYS A 36 -4.59 -0.76 -9.72
N GLY A 37 -5.85 -0.40 -9.85
CA GLY A 37 -6.56 -0.55 -11.11
C GLY A 37 -8.00 -0.93 -10.89
N ALA A 1 -3.23 6.39 -12.75
CA ALA A 1 -4.38 6.07 -11.88
C ALA A 1 -3.91 5.77 -10.46
N PRO A 2 -4.66 6.22 -9.44
CA PRO A 2 -4.31 5.96 -8.04
C PRO A 2 -4.51 4.48 -7.68
N CYS A 3 -3.77 4.02 -6.68
CA CYS A 3 -3.84 2.63 -6.24
C CYS A 3 -4.47 2.52 -4.86
N GLU A 4 -4.89 1.31 -4.54
CA GLU A 4 -5.44 0.97 -3.24
C GLU A 4 -4.49 0.00 -2.57
N CYS A 5 -4.30 0.11 -1.27
CA CYS A 5 -3.35 -0.71 -0.56
C CYS A 5 -3.92 -1.20 0.76
N ASP A 6 -3.54 -2.40 1.14
CA ASP A 6 -3.88 -2.96 2.44
C ASP A 6 -2.61 -3.11 3.25
N VAL A 7 -2.67 -2.79 4.52
CA VAL A 7 -1.50 -2.85 5.40
C VAL A 7 -1.92 -3.39 6.76
N ASN A 8 -1.60 -4.66 7.01
CA ASN A 8 -1.93 -5.33 8.27
C ASN A 8 -3.44 -5.59 8.43
N GLY A 9 -4.25 -4.75 7.79
CA GLY A 9 -5.69 -4.82 7.94
C GLY A 9 -6.34 -3.48 7.65
N GLU A 10 -5.53 -2.43 7.61
CA GLU A 10 -6.00 -1.08 7.27
C GLU A 10 -5.84 -0.87 5.76
N THR A 11 -6.74 -0.09 5.16
CA THR A 11 -6.68 0.19 3.73
C THR A 11 -6.38 1.67 3.49
N TYR A 12 -5.49 1.94 2.54
CA TYR A 12 -5.08 3.29 2.19
C TYR A 12 -5.10 3.46 0.68
N THR A 13 -5.11 4.70 0.22
CA THR A 13 -4.99 4.98 -1.21
C THR A 13 -3.67 5.71 -1.47
N VAL A 14 -2.93 5.23 -2.46
CA VAL A 14 -1.60 5.76 -2.76
C VAL A 14 -1.46 6.05 -4.25
N SER A 15 -0.29 6.54 -4.64
CA SER A 15 0.01 6.78 -6.05
C SER A 15 0.01 5.47 -6.83
N SER A 16 1.09 4.71 -6.67
CA SER A 16 1.27 3.47 -7.42
C SER A 16 1.92 2.40 -6.52
N SER A 17 2.24 1.24 -7.11
CA SER A 17 2.88 0.14 -6.39
C SER A 17 4.12 0.63 -5.64
N GLU A 18 4.84 1.57 -6.26
CA GLU A 18 6.02 2.19 -5.65
C GLU A 18 5.67 2.74 -4.27
N GLU A 19 4.76 3.70 -4.27
CA GLU A 19 4.33 4.36 -3.05
C GLU A 19 3.77 3.35 -2.07
N CYS A 20 3.12 2.31 -2.61
CA CYS A 20 2.51 1.28 -1.79
C CYS A 20 3.57 0.54 -0.96
N GLU A 21 4.54 -0.08 -1.63
CA GLU A 21 5.59 -0.84 -0.94
C GLU A 21 6.37 0.08 -0.02
N ARG A 22 6.62 1.28 -0.50
CA ARG A 22 7.25 2.31 0.28
C ARG A 22 6.48 2.57 1.58
N LEU A 23 5.16 2.62 1.49
CA LEU A 23 4.31 2.83 2.65
C LEU A 23 4.48 1.66 3.62
N CYS A 24 4.49 0.44 3.07
CA CYS A 24 4.71 -0.77 3.87
C CYS A 24 6.01 -0.65 4.67
N ARG A 25 7.09 -0.34 3.95
CA ARG A 25 8.42 -0.25 4.52
C ARG A 25 8.58 1.01 5.37
N LYS A 26 7.68 1.97 5.16
CA LYS A 26 7.66 3.21 5.95
C LYS A 26 7.13 2.93 7.34
N LEU A 27 6.04 2.17 7.41
CA LEU A 27 5.47 1.75 8.69
C LEU A 27 6.27 0.57 9.25
N GLY A 28 6.98 -0.11 8.37
CA GLY A 28 7.80 -1.24 8.77
C GLY A 28 7.05 -2.55 8.70
N VAL A 29 5.87 -2.52 8.07
CA VAL A 29 5.01 -3.69 7.98
C VAL A 29 5.07 -4.28 6.57
N THR A 30 5.63 -5.47 6.46
CA THR A 30 5.74 -6.16 5.17
C THR A 30 4.38 -6.75 4.78
N ASN A 31 3.53 -6.99 5.77
CA ASN A 31 2.18 -7.47 5.54
C ASN A 31 1.34 -6.37 4.89
N CYS A 32 1.32 -6.36 3.57
CA CYS A 32 0.51 -5.39 2.82
C CYS A 32 0.18 -5.93 1.43
N ARG A 33 -0.85 -5.36 0.81
CA ARG A 33 -1.33 -5.78 -0.50
C ARG A 33 -1.52 -4.58 -1.41
N VAL A 34 -1.36 -4.80 -2.71
CA VAL A 34 -1.54 -3.75 -3.71
C VAL A 34 -2.75 -4.05 -4.60
N HIS A 35 -3.62 -3.07 -4.77
CA HIS A 35 -4.82 -3.21 -5.57
C HIS A 35 -5.01 -1.96 -6.43
N CYS A 36 -4.63 -2.05 -7.70
CA CYS A 36 -4.66 -0.90 -8.61
C CYS A 36 -5.69 -1.12 -9.70
N GLY A 37 -6.48 -0.10 -9.97
CA GLY A 37 -7.54 -0.19 -10.95
C GLY A 37 -8.86 0.29 -10.38
N ALA A 1 -7.31 7.30 -11.92
CA ALA A 1 -6.89 5.93 -11.55
C ALA A 1 -6.01 5.95 -10.30
N PRO A 2 -6.59 5.63 -9.13
CA PRO A 2 -5.85 5.53 -7.88
C PRO A 2 -5.33 4.11 -7.64
N CYS A 3 -4.73 3.89 -6.47
CA CYS A 3 -4.28 2.56 -6.07
C CYS A 3 -4.58 2.32 -4.60
N GLU A 4 -4.73 1.05 -4.25
CA GLU A 4 -5.10 0.66 -2.89
C GLU A 4 -3.96 -0.08 -2.24
N CYS A 5 -3.70 0.26 -0.99
CA CYS A 5 -2.63 -0.34 -0.21
C CYS A 5 -3.25 -0.88 1.09
N ASP A 6 -3.16 -2.18 1.31
CA ASP A 6 -3.88 -2.83 2.38
C ASP A 6 -2.91 -3.36 3.43
N VAL A 7 -2.91 -2.70 4.58
CA VAL A 7 -1.99 -3.02 5.67
C VAL A 7 -2.76 -3.54 6.87
N ASN A 8 -2.39 -4.75 7.32
CA ASN A 8 -2.98 -5.35 8.53
C ASN A 8 -4.47 -5.64 8.37
N GLY A 9 -5.02 -5.30 7.21
CA GLY A 9 -6.44 -5.45 6.96
C GLY A 9 -7.11 -4.13 6.65
N GLU A 10 -6.49 -3.04 7.12
CA GLU A 10 -7.01 -1.71 6.87
C GLU A 10 -6.55 -1.21 5.50
N THR A 11 -7.30 -0.27 4.93
CA THR A 11 -7.06 0.20 3.58
C THR A 11 -6.60 1.66 3.58
N TYR A 12 -5.44 1.88 2.96
CA TYR A 12 -4.91 3.21 2.72
C TYR A 12 -4.72 3.36 1.22
N THR A 13 -4.95 4.54 0.67
CA THR A 13 -4.91 4.71 -0.78
C THR A 13 -3.75 5.61 -1.22
N VAL A 14 -3.10 5.19 -2.30
CA VAL A 14 -1.94 5.89 -2.85
C VAL A 14 -2.11 6.02 -4.36
N SER A 15 -1.15 6.64 -5.03
CA SER A 15 -1.21 6.80 -6.47
C SER A 15 -0.48 5.65 -7.18
N SER A 16 0.76 5.37 -6.77
CA SER A 16 1.59 4.39 -7.46
C SER A 16 1.82 3.13 -6.60
N SER A 17 1.92 1.99 -7.26
CA SER A 17 2.26 0.72 -6.61
C SER A 17 3.61 0.88 -5.89
N GLU A 18 4.50 1.64 -6.51
CA GLU A 18 5.78 1.98 -5.92
C GLU A 18 5.54 2.63 -4.56
N GLU A 19 4.64 3.59 -4.54
CA GLU A 19 4.34 4.36 -3.33
C GLU A 19 3.68 3.50 -2.25
N CYS A 20 2.83 2.55 -2.66
CA CYS A 20 2.21 1.62 -1.70
C CYS A 20 3.29 0.81 -0.97
N GLU A 21 4.04 0.01 -1.74
CA GLU A 21 5.13 -0.80 -1.18
C GLU A 21 6.08 0.07 -0.37
N ARG A 22 6.44 1.21 -0.96
CA ARG A 22 7.34 2.18 -0.34
C ARG A 22 6.82 2.58 1.04
N LEU A 23 5.53 2.91 1.11
CA LEU A 23 4.91 3.34 2.36
C LEU A 23 5.01 2.22 3.40
N CYS A 24 4.51 1.05 3.04
CA CYS A 24 4.47 -0.09 3.96
C CYS A 24 5.88 -0.48 4.44
N ARG A 25 6.86 -0.39 3.54
CA ARG A 25 8.24 -0.73 3.89
C ARG A 25 8.89 0.41 4.69
N LYS A 26 8.37 1.62 4.50
CA LYS A 26 8.85 2.78 5.25
C LYS A 26 8.23 2.78 6.65
N LEU A 27 7.08 2.12 6.76
CA LEU A 27 6.47 1.86 8.06
C LEU A 27 7.15 0.67 8.71
N GLY A 28 7.56 -0.27 7.87
CA GLY A 28 8.23 -1.47 8.33
C GLY A 28 7.26 -2.59 8.62
N VAL A 29 6.11 -2.55 7.96
CA VAL A 29 5.06 -3.55 8.17
C VAL A 29 5.07 -4.56 7.02
N THR A 30 4.95 -5.84 7.37
CA THR A 30 5.03 -6.93 6.40
C THR A 30 3.65 -7.30 5.82
N ASN A 31 2.61 -7.19 6.65
CA ASN A 31 1.25 -7.61 6.25
C ASN A 31 0.56 -6.54 5.39
N CYS A 32 1.28 -6.06 4.38
CA CYS A 32 0.77 -5.03 3.47
C CYS A 32 0.64 -5.63 2.07
N ARG A 33 -0.40 -5.21 1.35
CA ARG A 33 -0.69 -5.72 0.01
C ARG A 33 -0.96 -4.54 -0.93
N VAL A 34 -0.57 -4.67 -2.19
CA VAL A 34 -0.75 -3.60 -3.17
C VAL A 34 -1.76 -4.00 -4.24
N HIS A 35 -2.61 -3.06 -4.62
CA HIS A 35 -3.62 -3.27 -5.67
C HIS A 35 -3.82 -1.98 -6.45
N CYS A 36 -3.20 -1.88 -7.61
CA CYS A 36 -3.32 -0.69 -8.45
C CYS A 36 -4.06 -1.06 -9.73
N GLY A 37 -5.36 -0.73 -9.76
CA GLY A 37 -6.19 -1.10 -10.89
C GLY A 37 -6.78 -2.49 -10.71
N ALA A 1 -3.54 8.62 -12.08
CA ALA A 1 -4.35 7.49 -11.58
C ALA A 1 -3.62 6.79 -10.43
N PRO A 2 -4.10 6.96 -9.18
CA PRO A 2 -3.48 6.35 -8.01
C PRO A 2 -3.93 4.90 -7.81
N CYS A 3 -3.43 4.28 -6.75
CA CYS A 3 -3.79 2.90 -6.42
C CYS A 3 -4.19 2.79 -4.95
N GLU A 4 -4.55 1.58 -4.53
CA GLU A 4 -4.90 1.31 -3.15
C GLU A 4 -3.86 0.38 -2.53
N CYS A 5 -3.81 0.38 -1.22
CA CYS A 5 -2.81 -0.39 -0.48
C CYS A 5 -3.46 -0.96 0.77
N ASP A 6 -3.13 -2.19 1.08
CA ASP A 6 -3.68 -2.89 2.24
C ASP A 6 -2.56 -3.12 3.24
N VAL A 7 -2.83 -2.87 4.50
CA VAL A 7 -1.84 -2.94 5.56
C VAL A 7 -2.47 -3.57 6.80
N ASN A 8 -2.16 -4.84 7.04
CA ASN A 8 -2.64 -5.56 8.23
C ASN A 8 -4.19 -5.63 8.23
N GLY A 9 -4.80 -5.28 7.11
CA GLY A 9 -6.25 -5.30 7.01
C GLY A 9 -6.83 -3.95 6.63
N GLU A 10 -6.13 -2.88 7.00
CA GLU A 10 -6.59 -1.52 6.73
C GLU A 10 -6.24 -1.14 5.29
N THR A 11 -7.11 -0.37 4.64
CA THR A 11 -6.92 -0.01 3.24
C THR A 11 -6.71 1.49 3.09
N TYR A 12 -5.54 1.86 2.58
CA TYR A 12 -5.20 3.26 2.30
C TYR A 12 -5.04 3.46 0.80
N THR A 13 -4.98 4.71 0.36
CA THR A 13 -4.78 5.02 -1.05
C THR A 13 -3.42 5.70 -1.24
N VAL A 14 -2.66 5.21 -2.22
CA VAL A 14 -1.28 5.64 -2.43
C VAL A 14 -1.06 6.14 -3.85
N SER A 15 0.04 6.86 -4.06
CA SER A 15 0.35 7.46 -5.35
C SER A 15 0.54 6.38 -6.44
N SER A 16 1.00 5.20 -6.04
CA SER A 16 1.29 4.14 -7.00
C SER A 16 1.50 2.79 -6.32
N SER A 17 1.57 1.74 -7.14
CA SER A 17 1.80 0.39 -6.67
C SER A 17 3.09 0.31 -5.85
N GLU A 18 4.14 0.98 -6.35
CA GLU A 18 5.41 1.01 -5.64
C GLU A 18 5.26 1.80 -4.35
N GLU A 19 4.46 2.87 -4.40
CA GLU A 19 4.26 3.74 -3.25
C GLU A 19 3.56 2.98 -2.12
N CYS A 20 2.71 2.02 -2.48
CA CYS A 20 2.07 1.13 -1.50
C CYS A 20 3.13 0.43 -0.62
N GLU A 21 3.90 -0.46 -1.24
CA GLU A 21 4.93 -1.21 -0.51
C GLU A 21 5.93 -0.25 0.13
N ARG A 22 6.27 0.80 -0.60
CA ARG A 22 7.15 1.86 -0.14
C ARG A 22 6.63 2.46 1.17
N LEU A 23 5.32 2.67 1.23
CA LEU A 23 4.67 3.21 2.42
C LEU A 23 4.79 2.21 3.57
N CYS A 24 4.46 0.96 3.28
CA CYS A 24 4.60 -0.10 4.27
C CYS A 24 6.04 -0.18 4.78
N ARG A 25 6.99 0.01 3.88
CA ARG A 25 8.41 0.01 4.23
C ARG A 25 8.74 1.21 5.10
N LYS A 26 8.05 2.32 4.84
CA LYS A 26 8.18 3.53 5.65
C LYS A 26 7.65 3.28 7.05
N LEU A 27 6.62 2.44 7.14
CA LEU A 27 6.02 2.06 8.41
C LEU A 27 6.84 0.97 9.11
N GLY A 28 7.53 0.16 8.30
CA GLY A 28 8.30 -0.94 8.82
C GLY A 28 7.51 -2.25 8.81
N VAL A 29 6.42 -2.26 8.07
CA VAL A 29 5.55 -3.42 7.98
C VAL A 29 5.64 -4.05 6.58
N THR A 30 5.67 -5.36 6.52
CA THR A 30 5.72 -6.10 5.25
C THR A 30 4.39 -6.79 4.96
N ASN A 31 3.55 -6.93 5.99
CA ASN A 31 2.25 -7.57 5.84
C ASN A 31 1.26 -6.60 5.21
N CYS A 32 1.36 -6.49 3.89
CA CYS A 32 0.54 -5.57 3.11
C CYS A 32 0.08 -6.24 1.82
N ARG A 33 -0.68 -5.50 1.01
CA ARG A 33 -1.12 -5.98 -0.30
C ARG A 33 -1.35 -4.79 -1.22
N VAL A 34 -1.19 -4.99 -2.53
CA VAL A 34 -1.33 -3.89 -3.49
C VAL A 34 -2.55 -4.13 -4.38
N HIS A 35 -3.28 -3.06 -4.69
CA HIS A 35 -4.49 -3.17 -5.51
C HIS A 35 -4.64 -1.95 -6.41
N CYS A 36 -4.47 -2.16 -7.70
CA CYS A 36 -4.73 -1.13 -8.70
C CYS A 36 -5.90 -1.59 -9.58
N GLY A 37 -7.08 -1.03 -9.35
CA GLY A 37 -8.27 -1.43 -10.10
C GLY A 37 -8.87 -0.28 -10.88
N ALA A 1 -7.32 6.26 -13.20
CA ALA A 1 -7.68 5.17 -12.27
C ALA A 1 -6.74 5.18 -11.06
N PRO A 2 -7.26 5.55 -9.87
CA PRO A 2 -6.45 5.58 -8.64
C PRO A 2 -6.19 4.18 -8.11
N CYS A 3 -5.12 4.03 -7.33
CA CYS A 3 -4.74 2.73 -6.78
C CYS A 3 -4.83 2.74 -5.26
N GLU A 4 -5.03 1.57 -4.69
CA GLU A 4 -5.13 1.41 -3.24
C GLU A 4 -3.96 0.60 -2.72
N CYS A 5 -3.76 0.63 -1.42
CA CYS A 5 -2.71 -0.12 -0.76
C CYS A 5 -3.23 -0.68 0.56
N ASP A 6 -2.93 -1.94 0.82
CA ASP A 6 -3.38 -2.61 2.03
C ASP A 6 -2.17 -2.92 2.91
N VAL A 7 -2.31 -2.66 4.20
CA VAL A 7 -1.22 -2.77 5.16
C VAL A 7 -1.75 -3.38 6.45
N ASN A 8 -1.45 -4.66 6.69
CA ASN A 8 -1.88 -5.34 7.90
C ASN A 8 -3.40 -5.56 7.91
N GLY A 9 -4.07 -5.16 6.83
CA GLY A 9 -5.52 -5.20 6.77
C GLY A 9 -6.12 -3.81 6.66
N GLU A 10 -5.30 -2.81 6.97
CA GLU A 10 -5.72 -1.41 6.83
C GLU A 10 -5.61 -1.00 5.37
N THR A 11 -6.59 -0.27 4.86
CA THR A 11 -6.59 0.09 3.45
C THR A 11 -6.42 1.60 3.27
N TYR A 12 -5.32 1.98 2.63
CA TYR A 12 -5.02 3.36 2.30
C TYR A 12 -5.02 3.54 0.79
N THR A 13 -4.89 4.78 0.32
CA THR A 13 -4.86 5.08 -1.10
C THR A 13 -3.48 5.63 -1.50
N VAL A 14 -3.00 5.21 -2.66
CA VAL A 14 -1.69 5.61 -3.18
C VAL A 14 -1.74 5.81 -4.68
N SER A 15 -0.84 6.61 -5.21
CA SER A 15 -0.80 6.89 -6.65
C SER A 15 -0.03 5.80 -7.40
N SER A 16 0.71 4.96 -6.67
CA SER A 16 1.48 3.89 -7.28
C SER A 16 1.77 2.76 -6.30
N SER A 17 2.02 1.57 -6.86
CA SER A 17 2.43 0.41 -6.08
C SER A 17 3.76 0.72 -5.38
N GLU A 18 4.55 1.56 -6.03
CA GLU A 18 5.83 2.01 -5.47
C GLU A 18 5.58 2.73 -4.15
N GLU A 19 4.58 3.62 -4.17
CA GLU A 19 4.15 4.34 -2.97
C GLU A 19 3.60 3.37 -1.93
N CYS A 20 2.85 2.37 -2.38
CA CYS A 20 2.32 1.33 -1.49
C CYS A 20 3.47 0.65 -0.73
N GLU A 21 4.43 0.11 -1.48
CA GLU A 21 5.61 -0.53 -0.91
C GLU A 21 6.35 0.45 0.00
N ARG A 22 6.52 1.67 -0.50
CA ARG A 22 7.17 2.74 0.24
C ARG A 22 6.52 2.92 1.62
N LEU A 23 5.19 2.95 1.63
CA LEU A 23 4.42 3.16 2.86
C LEU A 23 4.65 2.00 3.82
N CYS A 24 4.31 0.79 3.38
CA CYS A 24 4.43 -0.42 4.21
C CYS A 24 5.85 -0.56 4.78
N ARG A 25 6.83 -0.51 3.90
CA ARG A 25 8.22 -0.75 4.27
C ARG A 25 8.78 0.38 5.14
N LYS A 26 8.34 1.62 4.88
CA LYS A 26 8.76 2.76 5.70
C LYS A 26 8.21 2.59 7.12
N LEU A 27 6.92 2.29 7.21
CA LEU A 27 6.27 2.10 8.50
C LEU A 27 6.91 0.91 9.23
N GLY A 28 7.37 -0.06 8.46
CA GLY A 28 8.02 -1.22 9.04
C GLY A 28 7.03 -2.32 9.31
N VAL A 29 6.04 -2.41 8.45
CA VAL A 29 4.96 -3.37 8.58
C VAL A 29 5.12 -4.49 7.55
N THR A 30 4.57 -5.65 7.87
CA THR A 30 4.50 -6.75 6.91
C THR A 30 3.03 -7.10 6.67
N ASN A 31 2.79 -8.07 5.78
CA ASN A 31 1.43 -8.46 5.43
C ASN A 31 0.71 -7.30 4.74
N CYS A 32 1.40 -6.69 3.78
CA CYS A 32 0.83 -5.61 2.98
C CYS A 32 0.67 -6.06 1.52
N ARG A 33 -0.33 -5.52 0.85
CA ARG A 33 -0.70 -5.95 -0.50
C ARG A 33 -1.15 -4.74 -1.32
N VAL A 34 -1.06 -4.83 -2.64
CA VAL A 34 -1.43 -3.71 -3.49
C VAL A 34 -2.66 -4.06 -4.33
N HIS A 35 -3.58 -3.12 -4.46
CA HIS A 35 -4.81 -3.32 -5.23
C HIS A 35 -5.12 -2.10 -6.07
N CYS A 36 -5.17 -2.29 -7.39
CA CYS A 36 -5.54 -1.21 -8.30
C CYS A 36 -6.41 -1.80 -9.41
N GLY A 37 -7.72 -1.63 -9.26
CA GLY A 37 -8.66 -2.29 -10.15
C GLY A 37 -9.16 -3.59 -9.53
N ALA A 1 -9.51 6.83 -11.68
CA ALA A 1 -9.37 5.74 -10.68
C ALA A 1 -7.93 5.65 -10.19
N PRO A 2 -7.70 5.81 -8.87
CA PRO A 2 -6.36 5.71 -8.27
C PRO A 2 -6.01 4.27 -7.91
N CYS A 3 -4.99 4.11 -7.07
CA CYS A 3 -4.57 2.79 -6.60
C CYS A 3 -4.74 2.69 -5.09
N GLU A 4 -4.72 1.48 -4.55
CA GLU A 4 -4.94 1.25 -3.13
C GLU A 4 -3.86 0.32 -2.57
N CYS A 5 -3.75 0.32 -1.25
CA CYS A 5 -2.77 -0.50 -0.57
C CYS A 5 -3.31 -0.88 0.81
N ASP A 6 -3.25 -2.16 1.15
CA ASP A 6 -3.77 -2.65 2.42
C ASP A 6 -2.62 -3.13 3.28
N VAL A 7 -2.24 -2.28 4.22
CA VAL A 7 -1.07 -2.48 5.06
C VAL A 7 -1.50 -2.71 6.51
N ASN A 8 -0.92 -3.73 7.13
CA ASN A 8 -1.20 -4.07 8.53
C ASN A 8 -2.66 -4.54 8.71
N GLY A 9 -3.39 -4.64 7.61
CA GLY A 9 -4.79 -5.05 7.67
C GLY A 9 -5.74 -3.91 7.33
N GLU A 10 -5.21 -2.68 7.28
CA GLU A 10 -6.00 -1.51 6.94
C GLU A 10 -5.75 -1.11 5.49
N THR A 11 -6.76 -0.55 4.84
CA THR A 11 -6.68 -0.24 3.41
C THR A 11 -6.69 1.27 3.17
N TYR A 12 -5.60 1.75 2.61
CA TYR A 12 -5.43 3.15 2.25
C TYR A 12 -5.35 3.27 0.72
N THR A 13 -5.25 4.49 0.22
CA THR A 13 -5.09 4.71 -1.21
C THR A 13 -3.72 5.31 -1.50
N VAL A 14 -3.04 4.78 -2.50
CA VAL A 14 -1.68 5.19 -2.83
C VAL A 14 -1.57 5.59 -4.31
N SER A 15 -0.55 6.38 -4.62
CA SER A 15 -0.32 6.83 -5.99
C SER A 15 0.03 5.66 -6.90
N SER A 16 0.90 4.78 -6.41
CA SER A 16 1.39 3.66 -7.20
C SER A 16 1.78 2.47 -6.32
N SER A 17 2.03 1.33 -6.96
CA SER A 17 2.39 0.10 -6.29
C SER A 17 3.67 0.30 -5.47
N GLU A 18 4.62 1.03 -6.06
CA GLU A 18 5.88 1.36 -5.39
C GLU A 18 5.62 2.22 -4.16
N GLU A 19 4.56 3.04 -4.23
CA GLU A 19 4.17 3.88 -3.10
C GLU A 19 3.60 2.99 -1.99
N CYS A 20 2.86 1.96 -2.39
CA CYS A 20 2.32 0.97 -1.44
C CYS A 20 3.46 0.31 -0.65
N GLU A 21 4.39 -0.36 -1.34
CA GLU A 21 5.50 -1.03 -0.69
C GLU A 21 6.34 -0.04 0.12
N ARG A 22 6.55 1.14 -0.45
CA ARG A 22 7.25 2.23 0.23
C ARG A 22 6.58 2.53 1.58
N LEU A 23 5.27 2.68 1.55
CA LEU A 23 4.49 2.99 2.75
C LEU A 23 4.65 1.88 3.79
N CYS A 24 4.59 0.64 3.32
CA CYS A 24 4.76 -0.52 4.20
C CYS A 24 6.11 -0.46 4.93
N ARG A 25 7.18 -0.37 4.15
CA ARG A 25 8.54 -0.36 4.69
C ARG A 25 8.73 0.83 5.63
N LYS A 26 8.04 1.92 5.31
CA LYS A 26 8.08 3.13 6.13
C LYS A 26 7.41 2.89 7.48
N LEU A 27 6.22 2.30 7.44
CA LEU A 27 5.46 2.01 8.66
C LEU A 27 6.04 0.80 9.40
N GLY A 28 6.90 0.06 8.70
CA GLY A 28 7.53 -1.11 9.30
C GLY A 28 6.64 -2.34 9.24
N VAL A 29 5.79 -2.38 8.23
CA VAL A 29 4.88 -3.50 8.03
C VAL A 29 5.35 -4.34 6.83
N THR A 30 5.27 -5.67 6.97
CA THR A 30 5.76 -6.57 5.94
C THR A 30 4.64 -7.05 5.02
N ASN A 31 3.42 -7.11 5.56
CA ASN A 31 2.27 -7.63 4.81
C ASN A 31 1.35 -6.50 4.36
N CYS A 32 1.20 -6.39 3.04
CA CYS A 32 0.35 -5.38 2.41
C CYS A 32 -0.34 -6.00 1.19
N ARG A 33 -1.38 -5.35 0.69
CA ARG A 33 -2.06 -5.79 -0.53
C ARG A 33 -2.23 -4.62 -1.49
N VAL A 34 -1.79 -4.76 -2.73
CA VAL A 34 -1.82 -3.66 -3.68
C VAL A 34 -2.80 -3.94 -4.83
N HIS A 35 -3.62 -2.94 -5.15
CA HIS A 35 -4.58 -3.02 -6.24
C HIS A 35 -4.80 -1.65 -6.84
N CYS A 36 -4.59 -1.51 -8.14
CA CYS A 36 -4.77 -0.23 -8.81
C CYS A 36 -5.94 -0.31 -9.78
N GLY A 37 -6.77 0.73 -9.78
CA GLY A 37 -7.93 0.76 -10.67
C GLY A 37 -7.52 0.88 -12.13
N ALA A 1 -10.12 6.60 -9.77
CA ALA A 1 -9.38 6.69 -8.49
C ALA A 1 -7.92 6.28 -8.68
N PRO A 2 -7.03 6.65 -7.73
CA PRO A 2 -5.63 6.18 -7.73
C PRO A 2 -5.56 4.69 -7.36
N CYS A 3 -4.40 4.26 -6.89
CA CYS A 3 -4.23 2.87 -6.47
C CYS A 3 -4.62 2.71 -5.00
N GLU A 4 -4.99 1.50 -4.62
CA GLU A 4 -5.39 1.19 -3.25
C GLU A 4 -4.37 0.24 -2.62
N CYS A 5 -4.33 0.22 -1.30
CA CYS A 5 -3.37 -0.58 -0.58
C CYS A 5 -3.97 -1.07 0.74
N ASP A 6 -3.29 -2.04 1.35
CA ASP A 6 -3.71 -2.57 2.65
C ASP A 6 -2.48 -2.85 3.49
N VAL A 7 -2.65 -2.77 4.80
CA VAL A 7 -1.57 -2.95 5.75
C VAL A 7 -2.10 -3.72 6.96
N ASN A 8 -1.83 -5.02 6.99
CA ASN A 8 -2.19 -5.89 8.10
C ASN A 8 -3.71 -5.85 8.40
N GLY A 9 -4.48 -5.22 7.52
CA GLY A 9 -5.92 -5.11 7.73
C GLY A 9 -6.47 -3.74 7.39
N GLU A 10 -5.66 -2.70 7.62
CA GLU A 10 -6.09 -1.32 7.36
C GLU A 10 -5.88 -0.98 5.88
N THR A 11 -6.80 -0.22 5.31
CA THR A 11 -6.77 0.04 3.87
C THR A 11 -6.48 1.52 3.58
N TYR A 12 -5.56 1.76 2.64
CA TYR A 12 -5.14 3.10 2.26
C TYR A 12 -5.21 3.25 0.73
N THR A 13 -4.88 4.45 0.23
CA THR A 13 -4.79 4.69 -1.22
C THR A 13 -3.51 5.44 -1.55
N VAL A 14 -2.83 5.01 -2.61
CA VAL A 14 -1.54 5.57 -3.00
C VAL A 14 -1.50 5.87 -4.49
N SER A 15 -0.44 6.57 -4.92
CA SER A 15 -0.27 6.92 -6.33
C SER A 15 -0.04 5.66 -7.18
N SER A 16 0.87 4.80 -6.72
CA SER A 16 1.23 3.59 -7.46
C SER A 16 1.74 2.51 -6.50
N SER A 17 1.95 1.30 -7.05
CA SER A 17 2.49 0.19 -6.29
C SER A 17 3.84 0.57 -5.65
N GLU A 18 4.60 1.40 -6.35
CA GLU A 18 5.86 1.92 -5.85
C GLU A 18 5.65 2.64 -4.52
N GLU A 19 4.78 3.66 -4.56
CA GLU A 19 4.43 4.42 -3.37
C GLU A 19 3.84 3.51 -2.30
N CYS A 20 3.13 2.47 -2.74
CA CYS A 20 2.51 1.52 -1.83
C CYS A 20 3.56 0.80 -1.01
N GLU A 21 4.51 0.18 -1.70
CA GLU A 21 5.62 -0.50 -1.05
C GLU A 21 6.33 0.46 -0.11
N ARG A 22 6.70 1.63 -0.62
CA ARG A 22 7.37 2.64 0.16
C ARG A 22 6.63 2.92 1.46
N LEU A 23 5.31 3.04 1.37
CA LEU A 23 4.47 3.31 2.52
C LEU A 23 4.59 2.18 3.54
N CYS A 24 4.19 0.98 3.14
CA CYS A 24 4.14 -0.17 4.05
C CYS A 24 5.53 -0.50 4.63
N ARG A 25 6.55 -0.47 3.78
CA ARG A 25 7.92 -0.79 4.21
C ARG A 25 8.43 0.27 5.18
N LYS A 26 8.13 1.54 4.89
CA LYS A 26 8.54 2.65 5.75
C LYS A 26 7.85 2.54 7.11
N LEU A 27 6.57 2.18 7.09
CA LEU A 27 5.82 1.94 8.32
C LEU A 27 6.47 0.78 9.08
N GLY A 28 6.97 -0.19 8.32
CA GLY A 28 7.68 -1.31 8.91
C GLY A 28 6.82 -2.55 8.99
N VAL A 29 5.80 -2.60 8.14
CA VAL A 29 4.90 -3.75 8.10
C VAL A 29 5.04 -4.48 6.77
N THR A 30 5.47 -5.73 6.84
CA THR A 30 5.63 -6.55 5.66
C THR A 30 4.28 -7.02 5.14
N ASN A 31 3.38 -7.35 6.07
CA ASN A 31 2.04 -7.80 5.71
C ASN A 31 1.24 -6.62 5.15
N CYS A 32 1.42 -6.39 3.86
CA CYS A 32 0.79 -5.29 3.14
C CYS A 32 0.28 -5.82 1.80
N ARG A 33 -0.62 -5.09 1.17
CA ARG A 33 -1.26 -5.54 -0.07
C ARG A 33 -1.47 -4.37 -1.02
N VAL A 34 -1.30 -4.61 -2.32
CA VAL A 34 -1.45 -3.57 -3.33
C VAL A 34 -2.61 -3.89 -4.28
N HIS A 35 -3.36 -2.86 -4.65
CA HIS A 35 -4.45 -3.01 -5.59
C HIS A 35 -4.50 -1.81 -6.53
N CYS A 36 -3.96 -1.96 -7.73
CA CYS A 36 -3.98 -0.89 -8.71
C CYS A 36 -4.88 -1.28 -9.88
N GLY A 37 -6.10 -0.76 -9.88
CA GLY A 37 -7.07 -1.12 -10.89
C GLY A 37 -8.32 -1.72 -10.25
N ALA A 1 -3.24 6.71 -11.43
CA ALA A 1 -4.59 6.36 -10.93
C ALA A 1 -4.60 6.36 -9.40
N PRO A 2 -5.78 6.52 -8.75
CA PRO A 2 -5.90 6.49 -7.30
C PRO A 2 -5.85 5.06 -6.77
N CYS A 3 -4.67 4.48 -6.84
CA CYS A 3 -4.43 3.14 -6.32
C CYS A 3 -4.56 3.12 -4.80
N GLU A 4 -4.52 1.91 -4.25
CA GLU A 4 -4.68 1.69 -2.83
C GLU A 4 -3.60 0.75 -2.32
N CYS A 5 -3.57 0.56 -1.01
CA CYS A 5 -2.56 -0.25 -0.38
C CYS A 5 -3.16 -0.90 0.87
N ASP A 6 -2.95 -2.20 1.05
CA ASP A 6 -3.62 -2.94 2.11
C ASP A 6 -2.61 -3.42 3.16
N VAL A 7 -2.61 -2.75 4.29
CA VAL A 7 -1.65 -2.99 5.36
C VAL A 7 -2.37 -3.55 6.58
N ASN A 8 -2.11 -4.83 6.88
CA ASN A 8 -2.72 -5.50 8.03
C ASN A 8 -4.26 -5.49 7.93
N GLY A 9 -4.75 -5.31 6.71
CA GLY A 9 -6.19 -5.31 6.49
C GLY A 9 -6.74 -3.91 6.30
N GLU A 10 -5.98 -2.92 6.75
CA GLU A 10 -6.36 -1.52 6.59
C GLU A 10 -6.10 -1.10 5.14
N THR A 11 -6.97 -0.25 4.60
CA THR A 11 -6.86 0.17 3.21
C THR A 11 -6.52 1.65 3.11
N TYR A 12 -5.38 1.95 2.50
CA TYR A 12 -4.91 3.32 2.29
C TYR A 12 -4.90 3.61 0.79
N THR A 13 -4.73 4.87 0.42
CA THR A 13 -4.67 5.26 -1.00
C THR A 13 -3.27 5.77 -1.34
N VAL A 14 -2.75 5.32 -2.47
CA VAL A 14 -1.41 5.68 -2.91
C VAL A 14 -1.39 5.95 -4.42
N SER A 15 -0.29 6.52 -4.89
CA SER A 15 -0.10 6.81 -6.30
C SER A 15 -0.09 5.51 -7.12
N SER A 16 0.66 4.53 -6.65
CA SER A 16 0.82 3.27 -7.36
C SER A 16 1.52 2.23 -6.48
N SER A 17 1.81 1.07 -7.05
CA SER A 17 2.50 -0.02 -6.35
C SER A 17 3.76 0.50 -5.66
N GLU A 18 4.47 1.38 -6.36
CA GLU A 18 5.69 2.00 -5.84
C GLU A 18 5.45 2.58 -4.45
N GLU A 19 4.45 3.45 -4.35
CA GLU A 19 4.18 4.18 -3.12
C GLU A 19 3.51 3.28 -2.08
N CYS A 20 2.78 2.27 -2.54
CA CYS A 20 2.18 1.28 -1.64
C CYS A 20 3.29 0.57 -0.86
N GLU A 21 4.19 -0.07 -1.60
CA GLU A 21 5.31 -0.77 -0.99
C GLU A 21 6.15 0.19 -0.15
N ARG A 22 6.39 1.38 -0.69
CA ARG A 22 7.16 2.40 0.03
C ARG A 22 6.50 2.76 1.36
N LEU A 23 5.16 2.88 1.35
CA LEU A 23 4.41 3.23 2.54
C LEU A 23 4.55 2.14 3.60
N CYS A 24 4.35 0.91 3.18
CA CYS A 24 4.44 -0.23 4.07
C CYS A 24 5.88 -0.40 4.60
N ARG A 25 6.87 -0.16 3.75
CA ARG A 25 8.26 -0.21 4.18
C ARG A 25 8.53 0.92 5.18
N LYS A 26 7.93 2.07 4.94
CA LYS A 26 8.00 3.21 5.85
C LYS A 26 7.42 2.82 7.20
N LEU A 27 6.26 2.18 7.15
CA LEU A 27 5.59 1.70 8.37
C LEU A 27 6.38 0.54 8.98
N GLY A 28 7.20 -0.11 8.15
CA GLY A 28 8.02 -1.21 8.61
C GLY A 28 7.20 -2.46 8.81
N VAL A 29 6.34 -2.73 7.84
CA VAL A 29 5.40 -3.83 7.92
C VAL A 29 5.45 -4.68 6.65
N THR A 30 5.54 -6.00 6.83
CA THR A 30 5.52 -6.92 5.70
C THR A 30 4.08 -7.27 5.34
N ASN A 31 3.21 -7.26 6.35
CA ASN A 31 1.79 -7.51 6.15
C ASN A 31 1.16 -6.35 5.38
N CYS A 32 1.40 -6.37 4.09
CA CYS A 32 1.00 -5.31 3.18
C CYS A 32 0.73 -5.92 1.80
N ARG A 33 -0.19 -5.32 1.09
CA ARG A 33 -0.60 -5.80 -0.23
C ARG A 33 -0.78 -4.59 -1.14
N VAL A 34 -0.80 -4.81 -2.44
CA VAL A 34 -0.89 -3.72 -3.40
C VAL A 34 -2.23 -3.80 -4.11
N HIS A 35 -3.04 -2.77 -3.93
CA HIS A 35 -4.42 -2.79 -4.40
C HIS A 35 -4.62 -1.76 -5.51
N CYS A 36 -4.60 -2.21 -6.74
CA CYS A 36 -4.97 -1.38 -7.89
C CYS A 36 -6.07 -2.09 -8.65
N GLY A 37 -7.30 -1.66 -8.41
CA GLY A 37 -8.46 -2.32 -8.96
C GLY A 37 -9.47 -2.64 -7.87
N ALA A 1 -5.46 5.91 -13.21
CA ALA A 1 -5.96 5.23 -11.99
C ALA A 1 -4.89 5.21 -10.90
N PRO A 2 -5.27 5.50 -9.65
CA PRO A 2 -4.38 5.36 -8.50
C PRO A 2 -4.33 3.91 -8.02
N CYS A 3 -3.81 3.69 -6.82
CA CYS A 3 -3.69 2.33 -6.30
C CYS A 3 -4.30 2.24 -4.90
N GLU A 4 -4.84 1.08 -4.57
CA GLU A 4 -5.42 0.80 -3.26
C GLU A 4 -4.57 -0.23 -2.55
N CYS A 5 -4.28 0.00 -1.28
CA CYS A 5 -3.41 -0.87 -0.52
C CYS A 5 -3.99 -1.20 0.85
N ASP A 6 -3.70 -2.40 1.32
CA ASP A 6 -4.07 -2.81 2.67
C ASP A 6 -2.80 -3.02 3.49
N VAL A 7 -2.91 -2.82 4.78
CA VAL A 7 -1.79 -2.90 5.71
C VAL A 7 -2.28 -3.51 7.03
N ASN A 8 -2.02 -4.81 7.20
CA ASN A 8 -2.42 -5.54 8.42
C ASN A 8 -3.93 -5.47 8.66
N GLY A 9 -4.70 -5.15 7.61
CA GLY A 9 -6.15 -5.08 7.76
C GLY A 9 -6.67 -3.65 7.76
N GLU A 10 -5.80 -2.70 7.48
CA GLU A 10 -6.20 -1.30 7.32
C GLU A 10 -6.03 -0.87 5.88
N THR A 11 -6.95 -0.08 5.35
CA THR A 11 -6.99 0.21 3.93
C THR A 11 -6.70 1.69 3.64
N TYR A 12 -5.69 1.93 2.82
CA TYR A 12 -5.27 3.27 2.42
C TYR A 12 -5.05 3.31 0.91
N THR A 13 -5.03 4.50 0.34
CA THR A 13 -4.80 4.67 -1.10
C THR A 13 -3.47 5.37 -1.35
N VAL A 14 -2.74 4.91 -2.36
CA VAL A 14 -1.43 5.47 -2.70
C VAL A 14 -1.41 5.90 -4.17
N SER A 15 -0.47 6.77 -4.51
CA SER A 15 -0.39 7.31 -5.87
C SER A 15 0.06 6.23 -6.88
N SER A 16 0.77 5.21 -6.40
CA SER A 16 1.24 4.14 -7.28
C SER A 16 1.73 2.94 -6.46
N SER A 17 1.98 1.83 -7.15
CA SER A 17 2.41 0.58 -6.51
C SER A 17 3.75 0.78 -5.82
N GLU A 18 4.63 1.55 -6.46
CA GLU A 18 5.92 1.90 -5.86
C GLU A 18 5.69 2.60 -4.53
N GLU A 19 4.83 3.63 -4.55
CA GLU A 19 4.46 4.38 -3.35
C GLU A 19 3.89 3.44 -2.29
N CYS A 20 3.15 2.43 -2.73
CA CYS A 20 2.61 1.43 -1.82
C CYS A 20 3.75 0.75 -1.05
N GLU A 21 4.76 0.31 -1.80
CA GLU A 21 5.96 -0.28 -1.22
C GLU A 21 6.59 0.72 -0.24
N ARG A 22 6.79 1.95 -0.69
CA ARG A 22 7.41 2.99 0.09
C ARG A 22 6.74 3.09 1.46
N LEU A 23 5.44 3.32 1.45
CA LEU A 23 4.67 3.48 2.69
C LEU A 23 4.79 2.25 3.58
N CYS A 24 4.56 1.07 3.01
CA CYS A 24 4.58 -0.18 3.76
C CYS A 24 5.95 -0.40 4.42
N ARG A 25 7.02 -0.27 3.64
CA ARG A 25 8.37 -0.51 4.13
C ARG A 25 8.80 0.61 5.09
N LYS A 26 8.25 1.80 4.89
CA LYS A 26 8.57 2.96 5.72
C LYS A 26 8.00 2.75 7.13
N LEU A 27 6.76 2.29 7.18
CA LEU A 27 6.11 1.97 8.45
C LEU A 27 6.75 0.72 9.05
N GLY A 28 7.23 -0.16 8.18
CA GLY A 28 7.92 -1.37 8.62
C GLY A 28 6.98 -2.56 8.70
N VAL A 29 5.98 -2.56 7.82
CA VAL A 29 5.00 -3.63 7.77
C VAL A 29 5.35 -4.63 6.67
N THR A 30 5.10 -5.91 6.93
CA THR A 30 5.35 -6.95 5.94
C THR A 30 4.05 -7.37 5.25
N ASN A 31 2.94 -7.31 6.00
CA ASN A 31 1.64 -7.72 5.47
C ASN A 31 0.88 -6.53 4.88
N CYS A 32 1.20 -6.22 3.63
CA CYS A 32 0.52 -5.18 2.87
C CYS A 32 0.04 -5.77 1.55
N ARG A 33 -1.20 -5.48 1.16
CA ARG A 33 -1.76 -6.01 -0.08
C ARG A 33 -2.01 -4.88 -1.07
N VAL A 34 -1.57 -5.07 -2.31
CA VAL A 34 -1.66 -4.02 -3.33
C VAL A 34 -2.62 -4.39 -4.45
N HIS A 35 -3.49 -3.43 -4.80
CA HIS A 35 -4.35 -3.54 -5.96
C HIS A 35 -4.35 -2.22 -6.71
N CYS A 36 -3.92 -2.24 -7.97
CA CYS A 36 -3.83 -1.02 -8.76
C CYS A 36 -4.18 -1.32 -10.23
N GLY A 37 -5.26 -0.73 -10.70
CA GLY A 37 -5.70 -0.95 -12.07
C GLY A 37 -7.21 -0.78 -12.20
N ALA A 1 -3.39 7.47 -12.69
CA ALA A 1 -4.55 7.26 -11.78
C ALA A 1 -4.05 6.78 -10.42
N PRO A 2 -4.78 7.13 -9.34
CA PRO A 2 -4.41 6.70 -7.99
C PRO A 2 -4.75 5.24 -7.73
N CYS A 3 -4.04 4.62 -6.82
CA CYS A 3 -4.28 3.21 -6.46
C CYS A 3 -4.44 3.10 -4.94
N GLU A 4 -4.65 1.89 -4.45
CA GLU A 4 -4.81 1.66 -3.01
C GLU A 4 -3.65 0.84 -2.48
N CYS A 5 -3.62 0.70 -1.16
CA CYS A 5 -2.59 -0.05 -0.47
C CYS A 5 -3.19 -0.75 0.73
N ASP A 6 -2.77 -1.98 0.97
CA ASP A 6 -3.28 -2.78 2.08
C ASP A 6 -2.16 -3.01 3.08
N VAL A 7 -2.45 -2.80 4.35
CA VAL A 7 -1.48 -2.89 5.43
C VAL A 7 -2.10 -3.61 6.62
N ASN A 8 -1.74 -4.88 6.78
CA ASN A 8 -2.29 -5.73 7.85
C ASN A 8 -3.80 -5.91 7.71
N GLY A 9 -4.34 -5.57 6.54
CA GLY A 9 -5.77 -5.66 6.31
C GLY A 9 -6.44 -4.31 6.22
N GLU A 10 -5.69 -3.24 6.44
CA GLU A 10 -6.22 -1.88 6.36
C GLU A 10 -5.98 -1.33 4.94
N THR A 11 -6.88 -0.47 4.46
CA THR A 11 -6.78 0.08 3.11
C THR A 11 -6.52 1.59 3.13
N TYR A 12 -5.36 1.98 2.59
CA TYR A 12 -5.02 3.37 2.38
C TYR A 12 -4.92 3.63 0.87
N THR A 13 -4.71 4.88 0.49
CA THR A 13 -4.58 5.24 -0.92
C THR A 13 -3.16 5.74 -1.22
N VAL A 14 -2.61 5.28 -2.34
CA VAL A 14 -1.24 5.59 -2.72
C VAL A 14 -1.14 5.92 -4.22
N SER A 15 0.01 6.45 -4.62
CA SER A 15 0.25 6.81 -6.01
C SER A 15 0.19 5.57 -6.93
N SER A 16 0.72 4.46 -6.42
CA SER A 16 0.78 3.21 -7.18
C SER A 16 1.28 2.09 -6.28
N SER A 17 1.35 0.86 -6.80
CA SER A 17 1.82 -0.29 -6.05
C SER A 17 3.20 -0.03 -5.45
N GLU A 18 4.06 0.63 -6.24
CA GLU A 18 5.38 1.02 -5.79
C GLU A 18 5.27 1.86 -4.52
N GLU A 19 4.38 2.85 -4.57
CA GLU A 19 4.16 3.76 -3.45
C GLU A 19 3.65 2.98 -2.24
N CYS A 20 2.82 1.97 -2.50
CA CYS A 20 2.28 1.12 -1.45
C CYS A 20 3.41 0.40 -0.72
N GLU A 21 4.35 -0.16 -1.49
CA GLU A 21 5.45 -0.92 -0.91
C GLU A 21 6.35 0.01 -0.09
N ARG A 22 6.62 1.20 -0.65
CA ARG A 22 7.40 2.19 0.04
C ARG A 22 6.71 2.62 1.35
N LEU A 23 5.41 2.85 1.29
CA LEU A 23 4.63 3.25 2.46
C LEU A 23 4.67 2.15 3.51
N CYS A 24 4.52 0.91 3.07
CA CYS A 24 4.57 -0.26 3.95
C CYS A 24 5.91 -0.28 4.71
N ARG A 25 6.99 -0.08 3.96
CA ARG A 25 8.33 -0.07 4.53
C ARG A 25 8.53 1.15 5.44
N LYS A 26 7.84 2.24 5.14
CA LYS A 26 7.88 3.43 5.96
C LYS A 26 7.22 3.17 7.31
N LEU A 27 6.04 2.56 7.27
CA LEU A 27 5.33 2.18 8.48
C LEU A 27 6.14 1.12 9.23
N GLY A 28 6.89 0.32 8.47
CA GLY A 28 7.73 -0.72 9.06
C GLY A 28 7.04 -2.05 9.06
N VAL A 29 6.02 -2.17 8.23
CA VAL A 29 5.21 -3.38 8.15
C VAL A 29 5.71 -4.28 7.02
N THR A 30 5.43 -5.57 7.15
CA THR A 30 5.72 -6.55 6.10
C THR A 30 4.42 -7.08 5.50
N ASN A 31 3.40 -7.20 6.35
CA ASN A 31 2.08 -7.65 5.93
C ASN A 31 1.37 -6.54 5.16
N CYS A 32 1.56 -6.53 3.85
CA CYS A 32 0.99 -5.51 2.98
C CYS A 32 0.60 -6.11 1.64
N ARG A 33 -0.32 -5.46 0.95
CA ARG A 33 -0.87 -5.96 -0.31
C ARG A 33 -1.25 -4.77 -1.20
N VAL A 34 -1.31 -4.97 -2.51
CA VAL A 34 -1.51 -3.87 -3.44
C VAL A 34 -2.86 -3.98 -4.16
N HIS A 35 -3.44 -2.83 -4.51
CA HIS A 35 -4.67 -2.77 -5.27
C HIS A 35 -4.71 -1.48 -6.09
N CYS A 36 -5.42 -1.49 -7.20
CA CYS A 36 -5.58 -0.29 -8.03
C CYS A 36 -6.83 -0.43 -8.90
N GLY A 37 -7.17 0.61 -9.65
CA GLY A 37 -8.35 0.58 -10.49
C GLY A 37 -8.27 1.58 -11.62
N ALA A 1 -9.01 7.66 -10.07
CA ALA A 1 -8.50 6.28 -9.87
C ALA A 1 -7.00 6.30 -9.56
N PRO A 2 -6.64 6.26 -8.26
CA PRO A 2 -5.26 6.16 -7.83
C PRO A 2 -4.83 4.68 -7.65
N CYS A 3 -4.67 4.25 -6.41
CA CYS A 3 -4.41 2.85 -6.10
C CYS A 3 -4.71 2.59 -4.63
N GLU A 4 -4.96 1.33 -4.29
CA GLU A 4 -5.37 0.96 -2.93
C GLU A 4 -4.46 -0.11 -2.36
N CYS A 5 -4.25 -0.07 -1.05
CA CYS A 5 -3.34 -0.98 -0.37
C CYS A 5 -3.90 -1.44 0.97
N ASP A 6 -3.62 -2.70 1.30
CA ASP A 6 -3.99 -3.29 2.59
C ASP A 6 -2.73 -3.60 3.38
N VAL A 7 -2.50 -2.84 4.43
CA VAL A 7 -1.33 -2.97 5.27
C VAL A 7 -1.72 -3.44 6.66
N ASN A 8 -1.53 -4.74 6.91
CA ASN A 8 -1.80 -5.34 8.21
C ASN A 8 -3.29 -5.26 8.57
N GLY A 9 -4.12 -5.07 7.54
CA GLY A 9 -5.55 -4.98 7.75
C GLY A 9 -6.07 -3.57 7.57
N GLU A 10 -5.16 -2.60 7.55
CA GLU A 10 -5.51 -1.21 7.29
C GLU A 10 -5.60 -0.98 5.78
N THR A 11 -6.58 -0.21 5.34
CA THR A 11 -6.76 0.06 3.91
C THR A 11 -6.50 1.54 3.62
N TYR A 12 -5.39 1.80 2.93
CA TYR A 12 -5.03 3.17 2.55
C TYR A 12 -4.93 3.27 1.04
N THR A 13 -4.86 4.48 0.53
CA THR A 13 -4.74 4.72 -0.90
C THR A 13 -3.38 5.33 -1.24
N VAL A 14 -2.73 4.79 -2.25
CA VAL A 14 -1.39 5.22 -2.65
C VAL A 14 -1.38 5.69 -4.11
N SER A 15 -0.27 6.28 -4.52
CA SER A 15 -0.13 6.85 -5.86
C SER A 15 0.32 5.79 -6.88
N SER A 16 0.96 4.74 -6.41
CA SER A 16 1.46 3.69 -7.28
C SER A 16 1.86 2.46 -6.48
N SER A 17 2.17 1.37 -7.18
CA SER A 17 2.69 0.16 -6.55
C SER A 17 3.98 0.48 -5.80
N GLU A 18 4.84 1.25 -6.45
CA GLU A 18 6.08 1.73 -5.84
C GLU A 18 5.78 2.50 -4.55
N GLU A 19 4.81 3.41 -4.63
CA GLU A 19 4.41 4.20 -3.48
C GLU A 19 3.87 3.30 -2.38
N CYS A 20 3.22 2.20 -2.77
CA CYS A 20 2.69 1.24 -1.81
C CYS A 20 3.84 0.55 -1.07
N GLU A 21 4.84 0.10 -1.84
CA GLU A 21 6.05 -0.49 -1.29
C GLU A 21 6.73 0.50 -0.35
N ARG A 22 6.78 1.75 -0.79
CA ARG A 22 7.40 2.81 -0.04
C ARG A 22 6.70 3.00 1.30
N LEU A 23 5.37 3.04 1.26
CA LEU A 23 4.54 3.21 2.45
C LEU A 23 4.70 1.99 3.37
N CYS A 24 4.76 0.81 2.77
CA CYS A 24 4.89 -0.43 3.54
C CYS A 24 6.18 -0.43 4.35
N ARG A 25 7.30 -0.08 3.69
CA ARG A 25 8.58 0.06 4.38
C ARG A 25 8.54 1.21 5.38
N LYS A 26 7.89 2.31 4.98
CA LYS A 26 7.77 3.50 5.83
C LYS A 26 7.14 3.16 7.18
N LEU A 27 6.04 2.42 7.14
CA LEU A 27 5.34 2.02 8.35
C LEU A 27 5.97 0.76 8.94
N GLY A 28 6.68 0.01 8.09
CA GLY A 28 7.28 -1.25 8.52
C GLY A 28 6.23 -2.31 8.70
N VAL A 29 5.39 -2.47 7.68
CA VAL A 29 4.28 -3.42 7.73
C VAL A 29 4.74 -4.79 7.25
N THR A 30 4.18 -5.84 7.86
CA THR A 30 4.44 -7.21 7.46
C THR A 30 3.69 -7.54 6.16
N ASN A 31 2.38 -7.49 6.24
CA ASN A 31 1.51 -7.82 5.11
C ASN A 31 0.95 -6.56 4.46
N CYS A 32 1.47 -6.21 3.29
CA CYS A 32 0.94 -5.11 2.50
C CYS A 32 0.58 -5.60 1.09
N ARG A 33 -0.69 -5.45 0.73
CA ARG A 33 -1.18 -5.88 -0.58
C ARG A 33 -1.61 -4.65 -1.38
N VAL A 34 -1.16 -4.56 -2.62
CA VAL A 34 -1.46 -3.40 -3.45
C VAL A 34 -2.34 -3.82 -4.63
N HIS A 35 -3.31 -2.96 -4.96
CA HIS A 35 -4.19 -3.20 -6.10
C HIS A 35 -4.69 -1.85 -6.63
N CYS A 36 -4.46 -1.61 -7.91
CA CYS A 36 -4.83 -0.33 -8.54
C CYS A 36 -5.94 -0.57 -9.57
N GLY A 37 -7.07 0.11 -9.40
CA GLY A 37 -8.19 -0.04 -10.31
C GLY A 37 -9.21 1.06 -10.15
N ALA A 1 -5.78 5.70 -12.99
CA ALA A 1 -5.99 4.51 -12.13
C ALA A 1 -4.91 4.44 -11.04
N PRO A 2 -5.25 4.81 -9.80
CA PRO A 2 -4.30 4.78 -8.67
C PRO A 2 -4.15 3.36 -8.10
N CYS A 3 -3.69 3.28 -6.87
CA CYS A 3 -3.51 1.99 -6.20
C CYS A 3 -4.18 2.02 -4.83
N GLU A 4 -4.89 0.95 -4.50
CA GLU A 4 -5.60 0.82 -3.23
C GLU A 4 -4.96 -0.30 -2.42
N CYS A 5 -4.53 0.02 -1.21
CA CYS A 5 -3.65 -0.86 -0.45
C CYS A 5 -4.24 -1.31 0.88
N ASP A 6 -3.94 -2.57 1.24
CA ASP A 6 -4.27 -3.15 2.54
C ASP A 6 -2.96 -3.41 3.28
N VAL A 7 -2.63 -2.53 4.22
CA VAL A 7 -1.38 -2.59 4.97
C VAL A 7 -1.66 -2.89 6.44
N ASN A 8 -1.27 -4.09 6.88
CA ASN A 8 -1.43 -4.51 8.28
C ASN A 8 -2.92 -4.55 8.65
N GLY A 9 -3.77 -4.68 7.63
CA GLY A 9 -5.21 -4.71 7.85
C GLY A 9 -5.84 -3.35 7.60
N GLU A 10 -5.01 -2.31 7.59
CA GLU A 10 -5.47 -0.95 7.35
C GLU A 10 -5.71 -0.75 5.85
N THR A 11 -6.71 0.06 5.51
CA THR A 11 -7.04 0.30 4.11
C THR A 11 -6.75 1.76 3.74
N TYR A 12 -5.78 1.96 2.87
CA TYR A 12 -5.37 3.30 2.43
C TYR A 12 -5.26 3.35 0.92
N THR A 13 -5.29 4.57 0.37
CA THR A 13 -5.14 4.77 -1.06
C THR A 13 -3.83 5.51 -1.35
N VAL A 14 -3.09 5.00 -2.33
CA VAL A 14 -1.76 5.53 -2.64
C VAL A 14 -1.67 5.89 -4.13
N SER A 15 -0.63 6.64 -4.48
CA SER A 15 -0.45 7.17 -5.82
C SER A 15 0.03 6.09 -6.79
N SER A 16 0.91 5.21 -6.30
CA SER A 16 1.52 4.19 -7.15
C SER A 16 1.79 2.91 -6.35
N SER A 17 1.93 1.79 -7.07
CA SER A 17 2.24 0.50 -6.47
C SER A 17 3.53 0.58 -5.66
N GLU A 18 4.57 1.12 -6.30
CA GLU A 18 5.87 1.30 -5.66
C GLU A 18 5.74 2.15 -4.39
N GLU A 19 4.94 3.21 -4.49
CA GLU A 19 4.69 4.08 -3.34
C GLU A 19 4.03 3.30 -2.21
N CYS A 20 3.15 2.37 -2.58
CA CYS A 20 2.51 1.48 -1.62
C CYS A 20 3.57 0.71 -0.83
N GLU A 21 4.53 0.16 -1.55
CA GLU A 21 5.62 -0.61 -0.95
C GLU A 21 6.46 0.28 -0.04
N ARG A 22 6.69 1.51 -0.49
CA ARG A 22 7.44 2.49 0.27
C ARG A 22 6.73 2.81 1.58
N LEU A 23 5.43 3.04 1.51
CA LEU A 23 4.62 3.34 2.69
C LEU A 23 4.63 2.14 3.64
N CYS A 24 4.51 0.95 3.06
CA CYS A 24 4.53 -0.29 3.83
C CYS A 24 5.86 -0.42 4.58
N ARG A 25 6.97 -0.19 3.86
CA ARG A 25 8.30 -0.31 4.44
C ARG A 25 8.56 0.85 5.40
N LYS A 26 7.88 1.97 5.15
CA LYS A 26 7.96 3.15 6.00
C LYS A 26 7.33 2.83 7.35
N LEU A 27 6.18 2.20 7.32
CA LEU A 27 5.48 1.79 8.54
C LEU A 27 6.16 0.57 9.16
N GLY A 28 6.88 -0.18 8.32
CA GLY A 28 7.61 -1.35 8.80
C GLY A 28 6.74 -2.58 8.85
N VAL A 29 5.93 -2.78 7.82
CA VAL A 29 5.02 -3.91 7.73
C VAL A 29 5.45 -4.86 6.61
N THR A 30 5.14 -6.14 6.77
CA THR A 30 5.40 -7.14 5.74
C THR A 30 4.10 -7.50 5.01
N ASN A 31 2.99 -7.48 5.75
CA ASN A 31 1.67 -7.77 5.18
C ASN A 31 1.03 -6.49 4.64
N CYS A 32 1.17 -6.29 3.34
CA CYS A 32 0.57 -5.16 2.65
C CYS A 32 0.29 -5.55 1.20
N ARG A 33 -0.98 -5.52 0.81
CA ARG A 33 -1.39 -5.97 -0.52
C ARG A 33 -1.89 -4.77 -1.32
N VAL A 34 -1.48 -4.67 -2.58
CA VAL A 34 -1.80 -3.51 -3.41
C VAL A 34 -2.69 -3.91 -4.59
N HIS A 35 -3.72 -3.09 -4.85
CA HIS A 35 -4.57 -3.25 -6.02
C HIS A 35 -4.41 -2.03 -6.91
N CYS A 36 -3.80 -2.19 -8.07
CA CYS A 36 -3.58 -1.09 -8.99
C CYS A 36 -4.39 -1.30 -10.26
N GLY A 37 -5.43 -0.50 -10.44
CA GLY A 37 -6.29 -0.61 -11.60
C GLY A 37 -7.55 0.21 -11.45
N ALA A 1 -7.59 5.81 -11.93
CA ALA A 1 -7.88 5.34 -10.57
C ALA A 1 -6.58 4.95 -9.87
N PRO A 2 -6.29 5.53 -8.69
CA PRO A 2 -5.07 5.23 -7.92
C PRO A 2 -5.05 3.80 -7.38
N CYS A 3 -4.04 3.49 -6.57
CA CYS A 3 -3.88 2.17 -5.99
C CYS A 3 -4.29 2.16 -4.53
N GLU A 4 -4.85 1.04 -4.07
CA GLU A 4 -5.28 0.87 -2.69
C GLU A 4 -4.45 -0.21 -2.02
N CYS A 5 -3.84 0.11 -0.90
CA CYS A 5 -2.92 -0.81 -0.24
C CYS A 5 -3.47 -1.26 1.11
N ASP A 6 -3.31 -2.55 1.40
CA ASP A 6 -3.80 -3.14 2.64
C ASP A 6 -2.61 -3.59 3.49
N VAL A 7 -2.37 -2.87 4.57
CA VAL A 7 -1.29 -3.12 5.48
C VAL A 7 -1.82 -3.58 6.84
N ASN A 8 -1.65 -4.88 7.12
CA ASN A 8 -2.01 -5.47 8.43
C ASN A 8 -3.55 -5.46 8.65
N GLY A 9 -4.28 -4.95 7.67
CA GLY A 9 -5.74 -4.85 7.80
C GLY A 9 -6.22 -3.44 7.57
N GLU A 10 -5.29 -2.48 7.58
CA GLU A 10 -5.60 -1.09 7.25
C GLU A 10 -5.47 -0.87 5.75
N THR A 11 -6.44 -0.19 5.16
CA THR A 11 -6.42 0.08 3.73
C THR A 11 -6.24 1.57 3.46
N TYR A 12 -5.11 1.92 2.87
CA TYR A 12 -4.80 3.30 2.50
C TYR A 12 -4.75 3.43 0.98
N THR A 13 -4.63 4.66 0.47
CA THR A 13 -4.54 4.88 -0.97
C THR A 13 -3.19 5.49 -1.34
N VAL A 14 -2.56 4.93 -2.36
CA VAL A 14 -1.25 5.37 -2.83
C VAL A 14 -1.29 5.72 -4.31
N SER A 15 -0.27 6.44 -4.77
CA SER A 15 -0.24 6.94 -6.14
C SER A 15 0.31 5.89 -7.11
N SER A 16 0.90 4.81 -6.58
CA SER A 16 1.48 3.77 -7.42
C SER A 16 1.97 2.60 -6.58
N SER A 17 2.39 1.53 -7.24
CA SER A 17 2.92 0.35 -6.58
C SER A 17 4.18 0.69 -5.81
N GLU A 18 5.06 1.48 -6.43
CA GLU A 18 6.29 1.91 -5.76
C GLU A 18 5.94 2.70 -4.51
N GLU A 19 4.95 3.59 -4.65
CA GLU A 19 4.47 4.40 -3.54
C GLU A 19 3.90 3.50 -2.45
N CYS A 20 3.29 2.41 -2.88
CA CYS A 20 2.70 1.43 -1.97
C CYS A 20 3.78 0.78 -1.11
N GLU A 21 4.74 0.16 -1.79
CA GLU A 21 5.81 -0.56 -1.11
C GLU A 21 6.60 0.38 -0.19
N ARG A 22 6.76 1.63 -0.64
CA ARG A 22 7.39 2.66 0.16
C ARG A 22 6.62 2.88 1.46
N LEU A 23 5.31 3.16 1.33
CA LEU A 23 4.46 3.44 2.48
C LEU A 23 4.40 2.24 3.43
N CYS A 24 4.22 1.06 2.87
CA CYS A 24 4.13 -0.17 3.66
C CYS A 24 5.43 -0.38 4.45
N ARG A 25 6.58 -0.17 3.81
CA ARG A 25 7.87 -0.32 4.49
C ARG A 25 8.14 0.89 5.39
N LYS A 26 7.49 2.01 5.11
CA LYS A 26 7.60 3.20 5.94
C LYS A 26 6.95 2.93 7.29
N LEU A 27 5.76 2.32 7.25
CA LEU A 27 5.09 1.89 8.47
C LEU A 27 5.84 0.71 9.09
N GLY A 28 6.42 -0.12 8.22
CA GLY A 28 7.19 -1.27 8.68
C GLY A 28 6.37 -2.54 8.67
N VAL A 29 5.32 -2.55 7.85
CA VAL A 29 4.43 -3.70 7.76
C VAL A 29 4.72 -4.49 6.49
N THR A 30 5.05 -5.77 6.65
CA THR A 30 5.32 -6.64 5.52
C THR A 30 4.00 -7.15 4.93
N ASN A 31 2.98 -7.24 5.79
CA ASN A 31 1.64 -7.64 5.36
C ASN A 31 1.00 -6.48 4.58
N CYS A 32 1.48 -6.29 3.37
CA CYS A 32 1.03 -5.20 2.50
C CYS A 32 0.49 -5.76 1.19
N ARG A 33 -0.75 -5.43 0.87
CA ARG A 33 -1.41 -5.94 -0.33
C ARG A 33 -1.67 -4.78 -1.28
N VAL A 34 -1.54 -5.03 -2.58
CA VAL A 34 -1.64 -3.97 -3.58
C VAL A 34 -2.87 -4.13 -4.47
N HIS A 35 -3.72 -3.10 -4.47
CA HIS A 35 -4.84 -3.00 -5.39
C HIS A 35 -4.59 -1.81 -6.30
N CYS A 36 -4.97 -1.90 -7.57
CA CYS A 36 -4.81 -0.79 -8.50
C CYS A 36 -5.95 -0.74 -9.51
N GLY A 37 -6.85 0.22 -9.33
CA GLY A 37 -8.00 0.34 -10.19
C GLY A 37 -9.17 -0.48 -9.67
N ALA A 1 -3.19 8.26 -12.22
CA ALA A 1 -4.05 7.12 -11.85
C ALA A 1 -3.53 6.44 -10.58
N PRO A 2 -4.27 6.57 -9.46
CA PRO A 2 -3.85 6.02 -8.17
C PRO A 2 -4.38 4.61 -7.92
N CYS A 3 -3.86 3.98 -6.88
CA CYS A 3 -4.28 2.65 -6.48
C CYS A 3 -4.40 2.59 -4.96
N GLU A 4 -4.67 1.41 -4.42
CA GLU A 4 -4.80 1.23 -2.98
C GLU A 4 -3.67 0.35 -2.46
N CYS A 5 -3.50 0.34 -1.15
CA CYS A 5 -2.45 -0.42 -0.49
C CYS A 5 -2.99 -0.96 0.83
N ASP A 6 -2.79 -2.25 1.08
CA ASP A 6 -3.35 -2.90 2.27
C ASP A 6 -2.23 -3.34 3.20
N VAL A 7 -2.11 -2.60 4.29
CA VAL A 7 -1.07 -2.80 5.28
C VAL A 7 -1.67 -3.27 6.62
N ASN A 8 -1.45 -4.54 6.95
CA ASN A 8 -1.89 -5.10 8.25
C ASN A 8 -3.42 -5.07 8.38
N GLY A 9 -4.11 -5.07 7.25
CA GLY A 9 -5.57 -5.04 7.26
C GLY A 9 -6.12 -3.63 7.09
N GLU A 10 -5.23 -2.65 7.22
CA GLU A 10 -5.57 -1.26 6.97
C GLU A 10 -5.42 -0.99 5.47
N THR A 11 -6.45 -0.44 4.85
CA THR A 11 -6.41 -0.19 3.42
C THR A 11 -6.41 1.31 3.14
N TYR A 12 -5.28 1.80 2.64
CA TYR A 12 -5.10 3.21 2.33
C TYR A 12 -4.94 3.37 0.82
N THR A 13 -4.90 4.61 0.34
CA THR A 13 -4.75 4.89 -1.08
C THR A 13 -3.41 5.54 -1.38
N VAL A 14 -2.73 5.05 -2.40
CA VAL A 14 -1.39 5.50 -2.78
C VAL A 14 -1.35 5.81 -4.28
N SER A 15 -0.28 6.48 -4.71
CA SER A 15 -0.13 6.87 -6.11
C SER A 15 0.06 5.64 -7.00
N SER A 16 0.83 4.66 -6.52
CA SER A 16 1.14 3.48 -7.31
C SER A 16 1.65 2.36 -6.42
N SER A 17 1.90 1.20 -7.01
CA SER A 17 2.39 0.03 -6.27
C SER A 17 3.67 0.36 -5.51
N GLU A 18 4.56 1.09 -6.18
CA GLU A 18 5.83 1.49 -5.58
C GLU A 18 5.59 2.40 -4.38
N GLU A 19 4.58 3.27 -4.50
CA GLU A 19 4.18 4.14 -3.40
C GLU A 19 3.71 3.27 -2.22
N CYS A 20 2.98 2.21 -2.53
CA CYS A 20 2.55 1.24 -1.50
C CYS A 20 3.78 0.59 -0.84
N GLU A 21 4.80 0.29 -1.64
CA GLU A 21 6.04 -0.26 -1.12
C GLU A 21 6.65 0.68 -0.09
N ARG A 22 6.74 1.96 -0.48
CA ARG A 22 7.27 2.99 0.38
C ARG A 22 6.50 3.07 1.69
N LEU A 23 5.17 3.05 1.58
CA LEU A 23 4.29 3.08 2.76
C LEU A 23 4.58 1.87 3.65
N CYS A 24 4.66 0.70 3.01
CA CYS A 24 4.91 -0.56 3.73
C CYS A 24 6.22 -0.48 4.52
N ARG A 25 7.26 0.03 3.88
CA ARG A 25 8.57 0.17 4.51
C ARG A 25 8.53 1.23 5.61
N LYS A 26 7.95 2.37 5.29
CA LYS A 26 7.87 3.51 6.20
C LYS A 26 7.15 3.12 7.50
N LEU A 27 6.15 2.25 7.37
CA LEU A 27 5.38 1.77 8.51
C LEU A 27 6.01 0.51 9.09
N GLY A 28 6.77 -0.22 8.27
CA GLY A 28 7.39 -1.45 8.70
C GLY A 28 6.40 -2.59 8.84
N VAL A 29 5.45 -2.65 7.91
CA VAL A 29 4.38 -3.64 7.94
C VAL A 29 4.84 -4.96 7.34
N THR A 30 4.30 -6.07 7.85
CA THR A 30 4.60 -7.40 7.33
C THR A 30 3.77 -7.69 6.08
N ASN A 31 2.46 -7.55 6.21
CA ASN A 31 1.54 -7.79 5.10
C ASN A 31 1.13 -6.46 4.45
N CYS A 32 1.68 -6.19 3.27
CA CYS A 32 1.30 -5.02 2.48
C CYS A 32 1.04 -5.45 1.03
N ARG A 33 -0.20 -5.24 0.58
CA ARG A 33 -0.61 -5.68 -0.76
C ARG A 33 -1.13 -4.50 -1.58
N VAL A 34 -1.32 -4.70 -2.88
CA VAL A 34 -1.79 -3.62 -3.77
C VAL A 34 -3.03 -4.05 -4.54
N HIS A 35 -3.83 -3.06 -4.97
CA HIS A 35 -5.01 -3.29 -5.79
C HIS A 35 -5.40 -1.98 -6.50
N CYS A 36 -6.00 -2.07 -7.68
CA CYS A 36 -6.38 -0.89 -8.44
C CYS A 36 -7.79 -1.04 -9.00
N GLY A 37 -8.71 -0.21 -8.53
CA GLY A 37 -10.09 -0.26 -9.01
C GLY A 37 -10.37 0.85 -10.02
N ALA A 1 -3.36 6.34 -11.58
CA ALA A 1 -4.63 5.82 -11.03
C ALA A 1 -4.61 5.85 -9.51
N PRO A 2 -5.75 6.15 -8.85
CA PRO A 2 -5.86 6.16 -7.39
C PRO A 2 -6.00 4.74 -6.83
N CYS A 3 -4.95 3.96 -7.04
CA CYS A 3 -4.92 2.55 -6.67
C CYS A 3 -5.02 2.35 -5.15
N GLU A 4 -5.18 1.10 -4.71
CA GLU A 4 -5.47 0.81 -3.31
C GLU A 4 -4.33 0.06 -2.63
N CYS A 5 -4.18 0.32 -1.34
CA CYS A 5 -3.13 -0.27 -0.51
C CYS A 5 -3.78 -0.91 0.72
N ASP A 6 -3.22 -2.02 1.20
CA ASP A 6 -3.83 -2.82 2.26
C ASP A 6 -2.77 -3.27 3.28
N VAL A 7 -2.70 -2.56 4.39
CA VAL A 7 -1.69 -2.80 5.42
C VAL A 7 -2.33 -3.33 6.70
N ASN A 8 -2.02 -4.58 7.05
CA ASN A 8 -2.57 -5.24 8.24
C ASN A 8 -4.09 -5.33 8.16
N GLY A 9 -4.63 -5.26 6.95
CA GLY A 9 -6.07 -5.31 6.76
C GLY A 9 -6.69 -3.93 6.72
N GLU A 10 -5.92 -2.92 7.11
CA GLU A 10 -6.36 -1.54 7.05
C GLU A 10 -6.16 -1.01 5.63
N THR A 11 -6.92 0.00 5.26
CA THR A 11 -6.98 0.46 3.88
C THR A 11 -6.38 1.86 3.72
N TYR A 12 -5.42 1.95 2.81
CA TYR A 12 -4.82 3.23 2.42
C TYR A 12 -4.95 3.38 0.90
N THR A 13 -5.02 4.62 0.42
CA THR A 13 -5.09 4.87 -1.01
C THR A 13 -3.82 5.57 -1.49
N VAL A 14 -3.34 5.16 -2.65
CA VAL A 14 -2.09 5.66 -3.21
C VAL A 14 -2.21 5.83 -4.72
N SER A 15 -1.27 6.54 -5.31
CA SER A 15 -1.25 6.75 -6.75
C SER A 15 -0.46 5.65 -7.44
N SER A 16 0.41 4.97 -6.68
CA SER A 16 1.25 3.93 -7.25
C SER A 16 1.51 2.79 -6.25
N SER A 17 1.64 1.59 -6.80
CA SER A 17 1.98 0.39 -6.04
C SER A 17 3.23 0.65 -5.22
N GLU A 18 4.28 1.09 -5.89
CA GLU A 18 5.55 1.39 -5.24
C GLU A 18 5.38 2.40 -4.11
N GLU A 19 4.43 3.33 -4.26
CA GLU A 19 4.11 4.27 -3.20
C GLU A 19 3.60 3.52 -1.98
N CYS A 20 2.60 2.66 -2.21
CA CYS A 20 2.07 1.80 -1.15
C CYS A 20 3.20 1.00 -0.49
N GLU A 21 3.98 0.31 -1.31
CA GLU A 21 5.06 -0.54 -0.84
C GLU A 21 6.10 0.28 -0.07
N ARG A 22 6.37 1.49 -0.53
CA ARG A 22 7.35 2.38 0.09
C ARG A 22 6.89 2.75 1.49
N LEU A 23 5.61 3.12 1.60
CA LEU A 23 5.02 3.45 2.89
C LEU A 23 5.14 2.26 3.85
N CYS A 24 4.72 1.10 3.38
CA CYS A 24 4.74 -0.12 4.18
C CYS A 24 6.17 -0.48 4.61
N ARG A 25 7.12 -0.37 3.68
CA ARG A 25 8.51 -0.73 3.96
C ARG A 25 9.12 0.30 4.91
N LYS A 26 8.65 1.54 4.81
CA LYS A 26 9.08 2.60 5.71
C LYS A 26 8.63 2.31 7.13
N LEU A 27 7.34 2.04 7.29
CA LEU A 27 6.77 1.68 8.58
C LEU A 27 7.41 0.40 9.11
N GLY A 28 7.79 -0.48 8.19
CA GLY A 28 8.39 -1.75 8.54
C GLY A 28 7.35 -2.81 8.79
N VAL A 29 6.27 -2.77 8.01
CA VAL A 29 5.17 -3.72 8.15
C VAL A 29 5.19 -4.74 7.01
N THR A 30 5.24 -6.02 7.37
CA THR A 30 5.27 -7.09 6.39
C THR A 30 3.89 -7.27 5.74
N ASN A 31 2.82 -7.13 6.53
CA ASN A 31 1.46 -7.29 6.03
C ASN A 31 1.04 -6.05 5.25
N CYS A 32 1.28 -6.08 3.95
CA CYS A 32 0.94 -4.97 3.07
C CYS A 32 0.70 -5.51 1.66
N ARG A 33 -0.39 -5.06 1.06
CA ARG A 33 -0.81 -5.48 -0.26
C ARG A 33 -1.21 -4.25 -1.06
N VAL A 34 -1.27 -4.37 -2.38
CA VAL A 34 -1.61 -3.24 -3.22
C VAL A 34 -2.23 -3.72 -4.53
N HIS A 35 -3.36 -3.14 -4.89
CA HIS A 35 -4.00 -3.42 -6.17
C HIS A 35 -3.96 -2.15 -7.00
N CYS A 36 -3.39 -2.23 -8.18
CA CYS A 36 -3.24 -1.06 -9.04
C CYS A 36 -3.50 -1.45 -10.49
N GLY A 37 -4.71 -1.16 -10.96
CA GLY A 37 -5.11 -1.53 -12.31
C GLY A 37 -6.42 -2.27 -12.31
N ALA A 1 -5.20 4.93 -13.43
CA ALA A 1 -5.79 5.15 -12.09
C ALA A 1 -4.81 4.72 -11.00
N PRO A 2 -4.81 5.41 -9.84
CA PRO A 2 -3.95 5.04 -8.69
C PRO A 2 -4.31 3.68 -8.11
N CYS A 3 -3.71 3.33 -6.98
CA CYS A 3 -3.90 2.02 -6.38
C CYS A 3 -4.27 2.12 -4.91
N GLU A 4 -4.80 1.02 -4.39
CA GLU A 4 -5.15 0.89 -2.98
C GLU A 4 -4.25 -0.15 -2.36
N CYS A 5 -4.07 -0.10 -1.05
CA CYS A 5 -3.18 -1.00 -0.35
C CYS A 5 -3.79 -1.45 0.96
N ASP A 6 -3.50 -2.70 1.34
CA ASP A 6 -4.01 -3.30 2.55
C ASP A 6 -2.86 -3.54 3.53
N VAL A 7 -2.82 -2.72 4.57
CA VAL A 7 -1.78 -2.78 5.59
C VAL A 7 -2.37 -3.24 6.91
N ASN A 8 -1.97 -4.43 7.34
CA ASN A 8 -2.49 -5.06 8.57
C ASN A 8 -4.01 -5.15 8.54
N GLY A 9 -4.57 -5.20 7.34
CA GLY A 9 -6.02 -5.37 7.19
C GLY A 9 -6.74 -4.06 6.87
N GLU A 10 -6.07 -2.93 7.08
CA GLU A 10 -6.67 -1.64 6.79
C GLU A 10 -6.34 -1.22 5.36
N THR A 11 -7.23 -0.48 4.73
CA THR A 11 -7.10 -0.15 3.32
C THR A 11 -6.85 1.34 3.12
N TYR A 12 -5.70 1.67 2.54
CA TYR A 12 -5.33 3.05 2.25
C TYR A 12 -5.22 3.24 0.74
N THR A 13 -5.18 4.49 0.30
CA THR A 13 -4.98 4.80 -1.11
C THR A 13 -3.63 5.50 -1.30
N VAL A 14 -2.88 5.02 -2.28
CA VAL A 14 -1.52 5.51 -2.53
C VAL A 14 -1.39 6.04 -3.95
N SER A 15 -0.37 6.85 -4.18
CA SER A 15 -0.13 7.47 -5.48
C SER A 15 0.17 6.42 -6.55
N SER A 16 1.07 5.48 -6.22
CA SER A 16 1.50 4.47 -7.19
C SER A 16 1.97 3.20 -6.49
N SER A 17 2.27 2.18 -7.29
CA SER A 17 2.76 0.89 -6.78
C SER A 17 4.01 1.09 -5.92
N GLU A 18 5.03 1.70 -6.53
CA GLU A 18 6.28 2.02 -5.85
C GLU A 18 5.99 2.74 -4.53
N GLU A 19 5.09 3.70 -4.58
CA GLU A 19 4.70 4.48 -3.42
C GLU A 19 4.15 3.56 -2.31
N CYS A 20 3.33 2.58 -2.72
CA CYS A 20 2.77 1.62 -1.78
C CYS A 20 3.87 0.88 -1.03
N GLU A 21 4.78 0.29 -1.80
CA GLU A 21 5.89 -0.47 -1.25
C GLU A 21 6.71 0.39 -0.29
N ARG A 22 6.96 1.63 -0.69
CA ARG A 22 7.72 2.57 0.11
C ARG A 22 7.01 2.90 1.42
N LEU A 23 5.70 3.11 1.33
CA LEU A 23 4.89 3.43 2.50
C LEU A 23 4.99 2.30 3.53
N CYS A 24 4.72 1.08 3.06
CA CYS A 24 4.72 -0.09 3.92
C CYS A 24 6.13 -0.40 4.44
N ARG A 25 7.15 -0.23 3.59
CA ARG A 25 8.53 -0.48 3.98
C ARG A 25 8.98 0.54 5.02
N LYS A 26 8.47 1.76 4.88
CA LYS A 26 8.79 2.85 5.80
C LYS A 26 8.13 2.58 7.15
N LEU A 27 6.86 2.18 7.11
CA LEU A 27 6.13 1.81 8.32
C LEU A 27 6.68 0.51 8.90
N GLY A 28 7.35 -0.27 8.04
CA GLY A 28 7.97 -1.51 8.48
C GLY A 28 6.95 -2.62 8.62
N VAL A 29 5.84 -2.48 7.90
CA VAL A 29 4.75 -3.46 7.99
C VAL A 29 4.82 -4.42 6.82
N THR A 30 5.04 -5.69 7.13
CA THR A 30 5.13 -6.72 6.12
C THR A 30 3.73 -7.07 5.59
N ASN A 31 2.72 -6.94 6.44
CA ASN A 31 1.33 -7.16 6.03
C ASN A 31 0.86 -5.98 5.17
N CYS A 32 1.15 -6.06 3.89
CA CYS A 32 0.85 -4.97 2.96
C CYS A 32 0.55 -5.53 1.57
N ARG A 33 -0.69 -5.40 1.14
CA ARG A 33 -1.14 -5.91 -0.16
C ARG A 33 -1.51 -4.74 -1.06
N VAL A 34 -1.64 -4.99 -2.37
CA VAL A 34 -1.93 -3.93 -3.34
C VAL A 34 -3.16 -4.30 -4.18
N HIS A 35 -3.92 -3.27 -4.57
CA HIS A 35 -5.09 -3.45 -5.44
C HIS A 35 -5.19 -2.28 -6.41
N CYS A 36 -4.97 -2.54 -7.69
CA CYS A 36 -5.06 -1.50 -8.72
C CYS A 36 -6.22 -1.77 -9.66
N GLY A 37 -7.07 -0.77 -9.88
CA GLY A 37 -8.24 -0.94 -10.71
C GLY A 37 -9.32 -1.75 -10.01
N ALA A 1 -10.96 4.19 -11.25
CA ALA A 1 -9.82 3.30 -10.99
C ALA A 1 -8.62 4.10 -10.47
N PRO A 2 -8.56 4.35 -9.15
CA PRO A 2 -7.44 5.04 -8.52
C PRO A 2 -6.26 4.07 -8.27
N CYS A 3 -5.93 3.83 -7.00
CA CYS A 3 -4.86 2.92 -6.64
C CYS A 3 -4.80 2.83 -5.12
N GLU A 4 -5.25 1.70 -4.58
CA GLU A 4 -5.36 1.52 -3.13
C GLU A 4 -4.38 0.46 -2.65
N CYS A 5 -4.26 0.33 -1.34
CA CYS A 5 -3.36 -0.64 -0.72
C CYS A 5 -3.95 -1.18 0.57
N ASP A 6 -3.30 -2.20 1.12
CA ASP A 6 -3.75 -2.89 2.31
C ASP A 6 -2.58 -3.07 3.27
N VAL A 7 -2.88 -3.01 4.55
CA VAL A 7 -1.90 -3.14 5.62
C VAL A 7 -2.51 -3.94 6.76
N ASN A 8 -2.20 -5.23 6.84
CA ASN A 8 -2.68 -6.09 7.92
C ASN A 8 -4.21 -6.26 7.87
N GLY A 9 -4.88 -5.60 6.93
CA GLY A 9 -6.33 -5.65 6.86
C GLY A 9 -6.95 -4.27 6.68
N GLU A 10 -6.20 -3.21 6.96
CA GLU A 10 -6.69 -1.84 6.78
C GLU A 10 -6.31 -1.32 5.39
N THR A 11 -7.04 -0.33 4.90
CA THR A 11 -6.89 0.14 3.52
C THR A 11 -6.33 1.57 3.48
N TYR A 12 -5.49 1.84 2.48
CA TYR A 12 -4.96 3.18 2.22
C TYR A 12 -4.98 3.47 0.72
N THR A 13 -4.77 4.74 0.36
CA THR A 13 -4.72 5.14 -1.04
C THR A 13 -3.33 5.64 -1.42
N VAL A 14 -2.84 5.18 -2.56
CA VAL A 14 -1.49 5.49 -3.03
C VAL A 14 -1.51 5.93 -4.49
N SER A 15 -0.36 6.36 -4.99
CA SER A 15 -0.22 6.74 -6.40
C SER A 15 0.14 5.51 -7.24
N SER A 16 0.97 4.63 -6.68
CA SER A 16 1.47 3.47 -7.40
C SER A 16 1.92 2.37 -6.44
N SER A 17 2.29 1.22 -7.00
CA SER A 17 2.84 0.12 -6.21
C SER A 17 4.17 0.56 -5.60
N GLU A 18 4.85 1.47 -6.30
CA GLU A 18 6.07 2.09 -5.81
C GLU A 18 5.80 2.79 -4.48
N GLU A 19 4.85 3.71 -4.50
CA GLU A 19 4.45 4.45 -3.31
C GLU A 19 3.97 3.49 -2.23
N CYS A 20 3.27 2.44 -2.66
CA CYS A 20 2.71 1.45 -1.76
C CYS A 20 3.82 0.78 -0.96
N GLU A 21 4.80 0.21 -1.67
CA GLU A 21 5.96 -0.40 -1.04
C GLU A 21 6.68 0.60 -0.15
N ARG A 22 6.97 1.76 -0.72
CA ARG A 22 7.70 2.81 -0.01
C ARG A 22 7.07 3.09 1.36
N LEU A 23 5.77 3.37 1.35
CA LEU A 23 5.03 3.67 2.58
C LEU A 23 5.11 2.48 3.54
N CYS A 24 4.81 1.29 3.03
CA CYS A 24 4.78 0.07 3.83
C CYS A 24 6.12 -0.17 4.52
N ARG A 25 7.20 -0.11 3.74
CA ARG A 25 8.54 -0.42 4.25
C ARG A 25 9.00 0.67 5.22
N LYS A 26 8.60 1.91 4.95
CA LYS A 26 8.91 3.01 5.86
C LYS A 26 8.23 2.79 7.21
N LEU A 27 6.96 2.38 7.16
CA LEU A 27 6.19 2.08 8.38
C LEU A 27 6.71 0.81 9.03
N GLY A 28 7.32 -0.06 8.21
CA GLY A 28 7.88 -1.29 8.71
C GLY A 28 6.86 -2.38 8.84
N VAL A 29 5.89 -2.39 7.93
CA VAL A 29 4.81 -3.38 7.95
C VAL A 29 5.27 -4.68 7.28
N THR A 30 4.88 -5.81 7.88
CA THR A 30 5.26 -7.12 7.36
C THR A 30 4.34 -7.54 6.21
N ASN A 31 3.03 -7.54 6.46
CA ASN A 31 2.05 -7.99 5.46
C ASN A 31 1.18 -6.84 4.98
N CYS A 32 1.55 -6.30 3.81
CA CYS A 32 0.82 -5.21 3.17
C CYS A 32 0.70 -5.53 1.68
N ARG A 33 -0.48 -5.29 1.10
CA ARG A 33 -0.72 -5.64 -0.30
C ARG A 33 -1.26 -4.43 -1.07
N VAL A 34 -1.47 -4.61 -2.37
CA VAL A 34 -1.91 -3.52 -3.23
C VAL A 34 -3.18 -3.89 -3.99
N HIS A 35 -4.09 -2.92 -4.11
CA HIS A 35 -5.29 -3.07 -4.91
C HIS A 35 -5.38 -1.87 -5.86
N CYS A 36 -4.96 -2.06 -7.10
CA CYS A 36 -4.86 -0.95 -8.03
C CYS A 36 -5.56 -1.30 -9.35
N GLY A 37 -6.73 -0.72 -9.56
CA GLY A 37 -7.50 -0.99 -10.76
C GLY A 37 -8.98 -0.75 -10.54
#